data_3SFX
#
_entry.id   3SFX
#
_cell.length_a   142.176
_cell.length_b   142.176
_cell.length_c   130.096
_cell.angle_alpha   90.00
_cell.angle_beta   90.00
_cell.angle_gamma   90.00
#
_symmetry.space_group_name_H-M   'P 43 21 2'
#
loop_
_entity.id
_entity.type
_entity.pdbx_description
1 polymer 'Cryptococcus neoformans protein farnesyltransferase alpha subunit'
2 polymer 'Cryptococcus neoformans protein farnesyltransferase beta subunit'
3 non-polymer 'ZINC ION'
4 non-polymer '(2R)-3-(cyclohexylamino)-2-hydroxypropane-1-sulfonic acid'
5 non-polymer '[(3,7,11-TRIMETHYL-DODECA-2,6,10-TRIENYLOXYCARBAMOYL)-METHYL]-PHOSPHONIC ACID'
6 non-polymer 6-[(S)-AMINO(4-CHLOROPHENYL)(1-METHYL-1H-IMIDAZOL-5-YL)METHYL]-4-(3-CHLOROPHENYL)-1-METHYLQUINOLIN-2(1H)-ONE
7 non-polymer 'SULFATE ION'
8 water water
#
loop_
_entity_poly.entity_id
_entity_poly.type
_entity_poly.pdbx_seq_one_letter_code
_entity_poly.pdbx_strand_id
1 'polypeptide(L)'
;MGSSHHHHHHSQLMVTSTYIPMSQRRSWADVKPIMQDDGPNPVVPIMYSEEYKDAMDYFRAIAAKEEKSERALELTEIIV
RMNPAHYTVWQYRFSLLTSLNKSLEDELRLMNEFAVQNLKSYQVWHHRLLLLDRISPQDPVSEIEYIHGSLLPDPKNYHT
WAYLHWLYSHFSTLGRISEAQWGSELDWCNEMLRVDGRNNSAWGWRWYLRVSRPGAETSSRSLQDELIYILKSIHLIPHN
VSAWNYLRGFLKHFSLPLVPILPAILPYTASKLNPDIETVEAFGFPMPSDPLPEDTPLPVPLALEYLADSFIEQNRVDDA
AKVFEKLSSEYDQMRAGYWEFRRRECAEE
;
A
2 'polypeptide(L)'
;MATEFTPSVYSLVSKPLPSNSRPSATLDEQAETEDLISQLFDLTADPNALVSEHGKRYSGLRKQEHTQFLASSFFQLPGK
FVSLDASRPWLVFWTVHSLDLLGVALDQGTKDRVVSTLLHFLSPKGGFGGGPANSQIPHLLPTYASVCSLAIAGNDSSTG
GWKDLAAARQSIYEFFMRCKRPDGGFVVCEGGEVDVRGTYCLLVVATLLDIITPELLHNVDKFVSACQTYEGGFACASFP
FPSVVPSTSAFPTSEPSCRVSMAEAHGGYTSCSLNSHFLLTSVPLPSFPLSIDANAALRWTVLQQGEPIEGGGFRGRTNK
LVDGCYSWWVGGGAPVAEELVRREKSRKVKKSRIEVFEEEKEGDWEDVPPIPPIFNRVALQEFTLVAAQQDPGSTGGLRD
KPGKRPDQYHTCNNLSGLSIAQHKMSHSPSTVSSNRLKFDASKGLPAVKPVAPGGGWKNEDERQNARREIWANALGWIEE
EGGEIIVGGKDNRINTTTPVFNILGLRLKPFINYFYCQEN
;
B
#
loop_
_chem_comp.id
_chem_comp.type
_chem_comp.name
_chem_comp.formula
3FX non-polymer '(2R)-3-(cyclohexylamino)-2-hydroxypropane-1-sulfonic acid' 'C9 H19 N O4 S'
FII non-polymer '[(3,7,11-TRIMETHYL-DODECA-2,6,10-TRIENYLOXYCARBAMOYL)-METHYL]-PHOSPHONIC ACID' 'C17 H30 N O5 P'
JAN non-polymer 6-[(S)-AMINO(4-CHLOROPHENYL)(1-METHYL-1H-IMIDAZOL-5-YL)METHYL]-4-(3-CHLOROPHENYL)-1-METHYLQUINOLIN-2(1H)-ONE 'C27 H22 Cl2 N4 O'
SO4 non-polymer 'SULFATE ION' 'O4 S -2'
ZN non-polymer 'ZINC ION' 'Zn 2'
#
# COMPACT_ATOMS: atom_id res chain seq x y z
N THR A 18 -28.68 -22.65 -24.56
CA THR A 18 -28.71 -21.17 -24.45
C THR A 18 -29.16 -20.75 -23.05
N TYR A 19 -28.84 -19.51 -22.69
CA TYR A 19 -29.25 -18.90 -21.44
C TYR A 19 -30.76 -18.67 -21.37
N ILE A 20 -31.33 -18.94 -20.20
CA ILE A 20 -32.73 -18.60 -19.93
C ILE A 20 -32.78 -17.32 -19.08
N PRO A 21 -33.32 -16.23 -19.63
CA PRO A 21 -33.41 -14.98 -18.87
C PRO A 21 -34.27 -15.16 -17.61
N MET A 22 -33.91 -14.44 -16.56
CA MET A 22 -34.61 -14.55 -15.28
C MET A 22 -36.07 -14.10 -15.35
N SER A 23 -36.38 -13.19 -16.28
CA SER A 23 -37.77 -12.76 -16.52
C SER A 23 -38.65 -13.90 -17.04
N GLN A 24 -38.03 -15.01 -17.45
CA GLN A 24 -38.76 -16.16 -17.98
C GLN A 24 -38.79 -17.34 -17.01
N ARG A 25 -38.14 -17.19 -15.85
CA ARG A 25 -38.12 -18.25 -14.83
C ARG A 25 -39.31 -18.09 -13.88
N ARG A 26 -40.05 -19.19 -13.68
CA ARG A 26 -41.24 -19.19 -12.84
C ARG A 26 -40.94 -18.70 -11.42
N SER A 27 -39.79 -19.10 -10.90
CA SER A 27 -39.33 -18.76 -9.56
C SER A 27 -39.08 -17.28 -9.29
N TRP A 28 -39.02 -16.47 -10.36
CA TRP A 28 -38.65 -15.05 -10.25
C TRP A 28 -39.71 -14.11 -10.83
N ALA A 29 -40.87 -14.68 -11.16
CA ALA A 29 -41.94 -13.94 -11.83
C ALA A 29 -42.48 -12.74 -11.05
N ASP A 30 -42.53 -12.85 -9.72
CA ASP A 30 -42.99 -11.76 -8.87
C ASP A 30 -42.01 -10.59 -8.76
N VAL A 31 -40.79 -10.76 -9.28
CA VAL A 31 -39.75 -9.73 -9.11
C VAL A 31 -39.60 -8.85 -10.35
N LYS A 32 -39.67 -7.54 -10.11
CA LYS A 32 -39.41 -6.57 -11.16
C LYS A 32 -37.94 -6.14 -11.07
N PRO A 33 -37.12 -6.50 -12.09
CA PRO A 33 -35.71 -6.14 -12.04
C PRO A 33 -35.49 -4.62 -12.04
N ILE A 34 -34.40 -4.17 -11.43
CA ILE A 34 -34.06 -2.75 -11.39
C ILE A 34 -32.77 -2.53 -12.16
N MET A 35 -32.78 -1.58 -13.11
CA MET A 35 -31.64 -1.35 -13.99
C MET A 35 -30.54 -0.57 -13.26
N GLN A 36 -29.30 -0.76 -13.72
CA GLN A 36 -28.17 -0.04 -13.16
C GLN A 36 -28.33 1.46 -13.42
N ASP A 37 -28.17 2.27 -12.37
CA ASP A 37 -28.34 3.71 -12.55
C ASP A 37 -27.02 4.50 -12.60
N ASP A 38 -26.40 4.49 -13.78
CA ASP A 38 -25.15 5.20 -14.11
C ASP A 38 -25.37 6.67 -14.42
N GLY A 39 -26.63 7.02 -14.65
CA GLY A 39 -26.96 8.31 -15.25
C GLY A 39 -26.70 8.24 -16.74
N PRO A 40 -26.76 9.41 -17.41
CA PRO A 40 -26.56 9.43 -18.86
C PRO A 40 -25.06 9.49 -19.22
N ASN A 41 -24.69 8.71 -20.24
CA ASN A 41 -23.36 8.73 -20.84
C ASN A 41 -22.22 8.51 -19.84
N PRO A 42 -22.27 7.42 -19.04
CA PRO A 42 -21.26 7.29 -17.99
C PRO A 42 -19.86 7.08 -18.58
N VAL A 43 -18.84 7.51 -17.84
CA VAL A 43 -17.48 7.14 -18.19
C VAL A 43 -17.19 5.75 -17.59
N VAL A 44 -16.04 5.19 -17.97
CA VAL A 44 -15.62 3.80 -17.66
C VAL A 44 -16.73 2.74 -17.64
N PRO A 45 -17.60 2.73 -18.67
CA PRO A 45 -18.63 1.69 -18.67
C PRO A 45 -18.00 0.35 -19.08
N ILE A 46 -18.48 -0.73 -18.47
CA ILE A 46 -17.95 -2.05 -18.77
C ILE A 46 -18.98 -2.79 -19.62
N MET A 47 -18.51 -3.49 -20.65
CA MET A 47 -19.39 -4.31 -21.47
C MET A 47 -19.70 -5.60 -20.70
N TYR A 48 -20.96 -5.77 -20.31
CA TYR A 48 -21.34 -6.88 -19.45
C TYR A 48 -21.89 -8.01 -20.28
N SER A 49 -21.62 -9.24 -19.85
CA SER A 49 -22.32 -10.39 -20.40
C SER A 49 -23.81 -10.29 -20.08
N GLU A 50 -24.63 -10.91 -20.91
CA GLU A 50 -26.05 -11.00 -20.66
C GLU A 50 -26.30 -11.58 -19.26
N GLU A 51 -25.56 -12.63 -18.90
CA GLU A 51 -25.77 -13.32 -17.63
C GLU A 51 -25.50 -12.42 -16.43
N TYR A 52 -24.43 -11.63 -16.51
CA TYR A 52 -24.03 -10.77 -15.40
C TYR A 52 -24.97 -9.60 -15.23
N LYS A 53 -25.32 -8.95 -16.34
CA LYS A 53 -26.34 -7.89 -16.31
C LYS A 53 -27.66 -8.39 -15.73
N ASP A 54 -28.13 -9.53 -16.19
CA ASP A 54 -29.38 -10.09 -15.73
C ASP A 54 -29.34 -10.38 -14.23
N ALA A 55 -28.27 -11.03 -13.77
CA ALA A 55 -28.14 -11.37 -12.36
C ALA A 55 -28.14 -10.11 -11.50
N MET A 56 -27.38 -9.10 -11.93
CA MET A 56 -27.31 -7.82 -11.21
C MET A 56 -28.63 -7.02 -11.20
N ASP A 57 -29.42 -7.11 -12.29
CA ASP A 57 -30.70 -6.41 -12.37
C ASP A 57 -31.66 -6.95 -11.31
N TYR A 58 -31.60 -8.26 -11.13
CA TYR A 58 -32.39 -8.91 -10.10
C TYR A 58 -31.83 -8.73 -8.70
N PHE A 59 -30.50 -8.73 -8.56
CA PHE A 59 -29.87 -8.38 -7.28
C PHE A 59 -30.29 -6.99 -6.78
N ARG A 60 -30.29 -6.01 -7.69
CA ARG A 60 -30.72 -4.65 -7.35
C ARG A 60 -32.13 -4.66 -6.75
N ALA A 61 -33.03 -5.44 -7.36
CA ALA A 61 -34.39 -5.58 -6.87
C ALA A 61 -34.47 -6.28 -5.51
N ILE A 62 -33.78 -7.42 -5.39
CA ILE A 62 -33.66 -8.20 -4.15
C ILE A 62 -33.13 -7.33 -2.99
N ALA A 63 -32.03 -6.63 -3.25
CA ALA A 63 -31.37 -5.85 -2.21
C ALA A 63 -32.15 -4.60 -1.82
N ALA A 64 -32.83 -3.99 -2.81
CA ALA A 64 -33.69 -2.84 -2.56
C ALA A 64 -34.84 -3.20 -1.59
N LYS A 65 -35.48 -4.36 -1.80
CA LYS A 65 -36.56 -4.82 -0.95
C LYS A 65 -36.08 -5.56 0.31
N GLU A 66 -34.75 -5.68 0.45
CA GLU A 66 -34.11 -6.37 1.59
C GLU A 66 -34.61 -7.81 1.81
N GLU A 67 -34.87 -8.52 0.73
CA GLU A 67 -35.32 -9.90 0.79
C GLU A 67 -34.23 -10.85 1.30
N LYS A 68 -34.54 -11.58 2.36
CA LYS A 68 -33.63 -12.60 2.89
C LYS A 68 -34.24 -13.97 2.62
N SER A 69 -33.81 -14.60 1.53
CA SER A 69 -34.41 -15.86 1.07
C SER A 69 -33.37 -16.78 0.46
N GLU A 70 -33.76 -18.02 0.19
CA GLU A 70 -32.89 -18.98 -0.50
C GLU A 70 -32.57 -18.54 -1.93
N ARG A 71 -33.56 -18.03 -2.66
CA ARG A 71 -33.31 -17.59 -4.04
C ARG A 71 -32.30 -16.43 -4.06
N ALA A 72 -32.41 -15.53 -3.08
CA ALA A 72 -31.44 -14.43 -2.96
C ALA A 72 -30.04 -14.98 -2.68
N LEU A 73 -29.97 -15.99 -1.80
CA LEU A 73 -28.68 -16.64 -1.52
C LEU A 73 -28.08 -17.26 -2.78
N GLU A 74 -28.88 -18.04 -3.51
CA GLU A 74 -28.45 -18.64 -4.79
C GLU A 74 -27.96 -17.55 -5.76
N LEU A 75 -28.69 -16.44 -5.82
CA LEU A 75 -28.32 -15.36 -6.71
C LEU A 75 -26.96 -14.74 -6.36
N THR A 76 -26.67 -14.59 -5.07
CA THR A 76 -25.37 -14.03 -4.66
C THR A 76 -24.22 -14.94 -5.07
N GLU A 77 -24.43 -16.26 -5.05
CA GLU A 77 -23.41 -17.20 -5.49
C GLU A 77 -23.15 -17.09 -6.99
N ILE A 78 -24.22 -17.00 -7.77
CA ILE A 78 -24.12 -16.77 -9.22
C ILE A 78 -23.26 -15.55 -9.54
N ILE A 79 -23.46 -14.46 -8.79
CA ILE A 79 -22.79 -13.20 -9.05
C ILE A 79 -21.31 -13.27 -8.65
N VAL A 80 -21.04 -13.72 -7.42
CA VAL A 80 -19.65 -13.78 -6.97
C VAL A 80 -18.79 -14.79 -7.75
N ARG A 81 -19.44 -15.78 -8.38
CA ARG A 81 -18.73 -16.70 -9.28
C ARG A 81 -18.30 -15.98 -10.56
N MET A 82 -19.07 -14.96 -10.97
CA MET A 82 -18.72 -14.15 -12.13
C MET A 82 -17.77 -13.00 -11.77
N ASN A 83 -17.96 -12.43 -10.58
CA ASN A 83 -17.11 -11.36 -10.08
C ASN A 83 -16.81 -11.58 -8.60
N PRO A 84 -15.70 -12.31 -8.30
CA PRO A 84 -15.32 -12.62 -6.92
C PRO A 84 -14.94 -11.42 -6.09
N ALA A 85 -14.77 -10.26 -6.72
CA ALA A 85 -14.36 -9.05 -6.00
C ALA A 85 -15.52 -8.12 -5.67
N HIS A 86 -16.75 -8.58 -5.94
CA HIS A 86 -17.94 -7.73 -5.73
C HIS A 86 -18.31 -7.62 -4.25
N TYR A 87 -17.70 -6.68 -3.56
CA TYR A 87 -17.78 -6.61 -2.09
C TYR A 87 -19.24 -6.47 -1.60
N THR A 88 -20.07 -5.72 -2.34
CA THR A 88 -21.47 -5.48 -1.98
C THR A 88 -22.24 -6.80 -1.93
N VAL A 89 -22.01 -7.64 -2.95
CA VAL A 89 -22.73 -8.90 -3.05
C VAL A 89 -22.26 -9.91 -1.96
N TRP A 90 -20.96 -9.90 -1.66
CA TRP A 90 -20.43 -10.65 -0.52
C TRP A 90 -21.03 -10.21 0.81
N GLN A 91 -21.18 -8.89 1.00
CA GLN A 91 -21.77 -8.39 2.24
C GLN A 91 -23.21 -8.90 2.33
N TYR A 92 -23.95 -8.83 1.24
CA TYR A 92 -25.34 -9.31 1.23
C TYR A 92 -25.41 -10.83 1.49
N ARG A 93 -24.47 -11.57 0.90
CA ARG A 93 -24.39 -13.01 1.11
C ARG A 93 -24.22 -13.37 2.59
N PHE A 94 -23.28 -12.74 3.27
CA PHE A 94 -23.09 -13.01 4.69
C PHE A 94 -24.32 -12.62 5.53
N SER A 95 -25.01 -11.55 5.15
CA SER A 95 -26.29 -11.17 5.80
C SER A 95 -27.33 -12.26 5.66
N LEU A 96 -27.40 -12.85 4.46
CA LEU A 96 -28.28 -13.96 4.17
C LEU A 96 -27.95 -15.21 5.00
N LEU A 97 -26.66 -15.56 5.08
CA LEU A 97 -26.23 -16.73 5.87
C LEU A 97 -26.70 -16.63 7.32
N THR A 98 -26.56 -15.43 7.90
CA THR A 98 -26.95 -15.23 9.30
C THR A 98 -28.47 -15.12 9.46
N SER A 99 -29.17 -14.40 8.58
CA SER A 99 -30.64 -14.31 8.66
C SER A 99 -31.33 -15.66 8.54
N LEU A 100 -30.89 -16.47 7.58
CA LEU A 100 -31.47 -17.79 7.32
C LEU A 100 -30.91 -18.86 8.24
N ASN A 101 -29.97 -18.49 9.11
CA ASN A 101 -29.32 -19.44 10.02
C ASN A 101 -28.81 -20.64 9.22
N LYS A 102 -28.10 -20.35 8.13
CA LYS A 102 -27.54 -21.39 7.27
C LYS A 102 -26.36 -22.09 7.94
N SER A 103 -26.07 -23.32 7.52
CA SER A 103 -24.88 -24.03 8.00
C SER A 103 -23.61 -23.32 7.56
N LEU A 104 -22.88 -22.75 8.51
CA LEU A 104 -21.64 -22.06 8.17
C LEU A 104 -20.51 -23.01 7.80
N GLU A 105 -20.58 -24.25 8.29
CA GLU A 105 -19.62 -25.30 7.91
C GLU A 105 -19.77 -25.68 6.43
N ASP A 106 -21.01 -25.82 5.97
CA ASP A 106 -21.30 -25.99 4.53
C ASP A 106 -20.72 -24.83 3.70
N GLU A 107 -20.89 -23.59 4.19
CA GLU A 107 -20.36 -22.42 3.48
C GLU A 107 -18.83 -22.45 3.38
N LEU A 108 -18.15 -22.88 4.44
CA LEU A 108 -16.70 -23.04 4.39
C LEU A 108 -16.30 -24.08 3.35
N ARG A 109 -17.06 -25.17 3.29
CA ARG A 109 -16.87 -26.19 2.25
C ARG A 109 -17.04 -25.58 0.86
N LEU A 110 -17.98 -24.65 0.73
CA LEU A 110 -18.18 -23.96 -0.55
C LEU A 110 -16.97 -23.08 -0.90
N MET A 111 -16.43 -22.39 0.10
CA MET A 111 -15.22 -21.59 -0.09
C MET A 111 -14.02 -22.46 -0.46
N ASN A 112 -13.95 -23.65 0.13
CA ASN A 112 -12.96 -24.65 -0.28
C ASN A 112 -13.11 -24.96 -1.78
N GLU A 113 -14.35 -25.23 -2.19
CA GLU A 113 -14.66 -25.53 -3.60
C GLU A 113 -14.31 -24.37 -4.55
N PHE A 114 -14.48 -23.13 -4.05
CA PHE A 114 -14.09 -21.92 -4.78
C PHE A 114 -12.59 -21.95 -5.12
N ALA A 115 -11.77 -22.23 -4.11
CA ALA A 115 -10.30 -22.29 -4.31
C ALA A 115 -9.93 -23.34 -5.37
N VAL A 116 -10.52 -24.53 -5.28
CA VAL A 116 -10.29 -25.59 -6.28
C VAL A 116 -10.65 -25.11 -7.69
N GLN A 117 -11.66 -24.26 -7.79
CA GLN A 117 -12.10 -23.73 -9.08
C GLN A 117 -11.44 -22.39 -9.43
N ASN A 118 -10.34 -22.08 -8.74
CA ASN A 118 -9.54 -20.89 -9.01
C ASN A 118 -10.34 -19.58 -8.79
N LEU A 119 -11.43 -19.67 -8.04
CA LEU A 119 -12.19 -18.50 -7.61
C LEU A 119 -11.56 -18.00 -6.33
N LYS A 120 -10.56 -17.17 -6.52
CA LYS A 120 -9.85 -16.58 -5.42
C LYS A 120 -10.01 -15.09 -5.59
N SER A 121 -10.01 -14.40 -4.46
CA SER A 121 -10.06 -12.96 -4.40
C SER A 121 -9.94 -12.68 -2.94
N TYR A 122 -9.57 -11.46 -2.61
CA TYR A 122 -9.50 -11.07 -1.22
C TYR A 122 -10.82 -11.38 -0.51
N GLN A 123 -11.92 -11.06 -1.18
CA GLN A 123 -13.26 -11.16 -0.56
C GLN A 123 -13.58 -12.55 -0.09
N VAL A 124 -13.11 -13.56 -0.82
CA VAL A 124 -13.22 -14.95 -0.42
C VAL A 124 -12.55 -15.19 0.93
N TRP A 125 -11.32 -14.67 1.09
CA TRP A 125 -10.58 -14.84 2.35
C TRP A 125 -11.23 -14.08 3.51
N HIS A 126 -11.67 -12.84 3.27
CA HIS A 126 -12.36 -12.09 4.32
C HIS A 126 -13.66 -12.79 4.75
N HIS A 127 -14.35 -13.41 3.79
CA HIS A 127 -15.59 -14.16 4.04
C HIS A 127 -15.26 -15.35 4.94
N ARG A 128 -14.17 -16.08 4.64
CA ARG A 128 -13.69 -17.16 5.53
C ARG A 128 -13.49 -16.65 6.96
N LEU A 129 -12.86 -15.49 7.09
CA LEU A 129 -12.58 -14.89 8.41
C LEU A 129 -13.89 -14.65 9.18
N LEU A 130 -14.87 -14.06 8.50
CA LEU A 130 -16.15 -13.80 9.11
C LEU A 130 -16.83 -15.11 9.58
N LEU A 131 -16.74 -16.14 8.73
CA LEU A 131 -17.27 -17.46 9.06
C LEU A 131 -16.59 -18.07 10.27
N LEU A 132 -15.25 -18.03 10.30
CA LEU A 132 -14.50 -18.54 11.47
C LEU A 132 -14.88 -17.82 12.76
N ASP A 133 -14.99 -16.50 12.66
CA ASP A 133 -15.36 -15.65 13.80
C ASP A 133 -16.76 -16.03 14.32
N ARG A 134 -17.69 -16.26 13.42
CA ARG A 134 -19.08 -16.54 13.84
C ARG A 134 -19.28 -18.00 14.27
N ILE A 135 -18.66 -18.95 13.59
CA ILE A 135 -18.71 -20.36 14.02
C ILE A 135 -18.10 -20.44 15.41
N SER A 136 -16.97 -19.74 15.59
CA SER A 136 -16.22 -19.71 16.85
C SER A 136 -15.91 -21.12 17.37
N PRO A 137 -15.23 -21.94 16.55
CA PRO A 137 -14.95 -23.31 16.98
C PRO A 137 -14.11 -23.36 18.26
N GLN A 138 -14.37 -24.37 19.08
CA GLN A 138 -13.58 -24.60 20.29
C GLN A 138 -12.11 -24.87 19.93
N ASP A 139 -11.88 -25.49 18.78
CA ASP A 139 -10.52 -25.74 18.29
C ASP A 139 -10.42 -25.40 16.79
N PRO A 140 -9.61 -24.39 16.44
CA PRO A 140 -9.56 -24.01 15.02
C PRO A 140 -8.50 -24.78 14.20
N VAL A 141 -7.97 -25.87 14.74
CA VAL A 141 -6.92 -26.70 14.07
C VAL A 141 -7.20 -26.97 12.60
N SER A 142 -8.44 -27.29 12.25
CA SER A 142 -8.69 -27.69 10.87
C SER A 142 -8.54 -26.51 9.89
N GLU A 143 -8.85 -25.30 10.36
CA GLU A 143 -8.66 -24.12 9.53
C GLU A 143 -7.17 -23.77 9.45
N ILE A 144 -6.46 -23.95 10.55
CA ILE A 144 -5.00 -23.78 10.53
C ILE A 144 -4.37 -24.69 9.46
N GLU A 145 -4.75 -25.96 9.47
CA GLU A 145 -4.26 -26.91 8.46
C GLU A 145 -4.69 -26.55 7.04
N TYR A 146 -5.91 -26.05 6.88
CA TYR A 146 -6.35 -25.54 5.57
C TYR A 146 -5.43 -24.41 5.09
N ILE A 147 -5.11 -23.49 5.99
CA ILE A 147 -4.26 -22.36 5.63
C ILE A 147 -2.88 -22.84 5.23
N HIS A 148 -2.34 -23.78 6.00
CA HIS A 148 -1.04 -24.35 5.68
C HIS A 148 -1.02 -24.96 4.29
N GLY A 149 -2.03 -25.78 3.98
CA GLY A 149 -2.15 -26.41 2.68
C GLY A 149 -2.24 -25.40 1.55
N SER A 150 -2.94 -24.30 1.80
CA SER A 150 -3.10 -23.31 0.74
C SER A 150 -1.80 -22.49 0.53
N LEU A 151 -0.97 -22.37 1.56
CA LEU A 151 0.32 -21.70 1.44
C LEU A 151 1.39 -22.53 0.70
N LEU A 152 1.28 -23.85 0.72
CA LEU A 152 2.32 -24.69 0.10
C LEU A 152 2.61 -24.36 -1.39
N PRO A 153 1.56 -24.28 -2.24
CA PRO A 153 1.77 -23.86 -3.63
C PRO A 153 1.82 -22.33 -3.86
N ASP A 154 1.59 -21.55 -2.80
CA ASP A 154 1.49 -20.09 -2.95
C ASP A 154 2.09 -19.44 -1.68
N PRO A 155 3.41 -19.62 -1.47
CA PRO A 155 4.05 -19.46 -0.15
C PRO A 155 4.23 -18.03 0.34
N LYS A 156 4.00 -17.06 -0.54
CA LYS A 156 4.15 -15.63 -0.17
C LYS A 156 2.85 -14.86 -0.30
N ASN A 157 1.73 -15.58 -0.39
CA ASN A 157 0.44 -14.92 -0.51
C ASN A 157 0.19 -14.02 0.71
N TYR A 158 0.20 -12.71 0.48
CA TYR A 158 0.21 -11.76 1.58
C TYR A 158 -1.01 -11.89 2.50
N HIS A 159 -2.18 -11.99 1.91
CA HIS A 159 -3.41 -11.98 2.69
C HIS A 159 -3.67 -13.31 3.42
N THR A 160 -3.07 -14.38 2.90
CA THR A 160 -3.16 -15.68 3.55
C THR A 160 -2.32 -15.66 4.82
N TRP A 161 -1.12 -15.09 4.73
CA TRP A 161 -0.29 -14.91 5.92
C TRP A 161 -0.97 -14.00 6.95
N ALA A 162 -1.60 -12.91 6.50
CA ALA A 162 -2.29 -12.01 7.43
C ALA A 162 -3.47 -12.74 8.12
N TYR A 163 -4.16 -13.58 7.35
CA TYR A 163 -5.26 -14.39 7.89
C TYR A 163 -4.77 -15.37 8.96
N LEU A 164 -3.65 -16.03 8.71
CA LEU A 164 -3.01 -16.89 9.71
C LEU A 164 -2.69 -16.15 11.02
N HIS A 165 -2.11 -14.95 10.90
CA HIS A 165 -1.87 -14.07 12.07
C HIS A 165 -3.18 -13.78 12.82
N TRP A 166 -4.23 -13.41 12.07
CA TRP A 166 -5.54 -13.11 12.67
C TRP A 166 -6.12 -14.33 13.41
N LEU A 167 -6.08 -15.50 12.77
CA LEU A 167 -6.65 -16.72 13.31
C LEU A 167 -6.02 -17.05 14.65
N TYR A 168 -4.69 -17.10 14.67
CA TYR A 168 -3.98 -17.37 15.91
C TYR A 168 -4.22 -16.28 16.95
N SER A 169 -4.30 -15.02 16.53
CA SER A 169 -4.43 -13.92 17.48
C SER A 169 -5.84 -13.93 18.10
N HIS A 170 -6.85 -14.07 17.23
CA HIS A 170 -8.24 -14.15 17.66
C HIS A 170 -8.48 -15.34 18.61
N PHE A 171 -8.09 -16.53 18.16
CA PHE A 171 -8.37 -17.72 18.96
C PHE A 171 -7.54 -17.83 20.22
N SER A 172 -6.35 -17.24 20.19
CA SER A 172 -5.54 -17.18 21.39
C SER A 172 -6.13 -16.24 22.45
N THR A 173 -6.76 -15.13 22.03
CA THR A 173 -7.40 -14.26 23.05
C THR A 173 -8.59 -14.97 23.71
N LEU A 174 -9.16 -15.94 23.01
CA LEU A 174 -10.23 -16.76 23.57
C LEU A 174 -9.69 -17.92 24.42
N GLY A 175 -8.37 -18.05 24.51
CA GLY A 175 -7.71 -19.09 25.32
C GLY A 175 -7.72 -20.45 24.64
N ARG A 176 -7.84 -20.45 23.30
CA ARG A 176 -8.10 -21.70 22.57
C ARG A 176 -6.90 -22.26 21.79
N ILE A 177 -5.74 -21.65 21.95
CA ILE A 177 -4.50 -22.18 21.37
C ILE A 177 -3.65 -22.78 22.50
N SER A 178 -3.47 -24.11 22.44
CA SER A 178 -2.67 -24.82 23.44
C SER A 178 -1.19 -24.70 23.13
N GLU A 179 -0.36 -25.01 24.14
CA GLU A 179 1.09 -25.04 23.98
C GLU A 179 1.55 -26.03 22.92
N ALA A 180 0.88 -27.19 22.82
CA ALA A 180 1.18 -28.14 21.76
C ALA A 180 0.93 -27.49 20.40
N GLN A 181 -0.19 -26.79 20.26
CA GLN A 181 -0.51 -26.09 19.01
C GLN A 181 0.54 -25.03 18.62
N TRP A 182 0.93 -24.17 19.56
CA TRP A 182 2.03 -23.21 19.34
C TRP A 182 3.33 -23.92 18.91
N GLY A 183 3.63 -25.04 19.56
CA GLY A 183 4.82 -25.83 19.24
C GLY A 183 4.77 -26.38 17.83
N SER A 184 3.63 -26.92 17.42
CA SER A 184 3.57 -27.49 16.07
C SER A 184 3.65 -26.39 15.01
N GLU A 185 3.17 -25.19 15.37
CA GLU A 185 3.21 -24.06 14.46
C GLU A 185 4.65 -23.61 14.20
N LEU A 186 5.47 -23.55 15.24
CA LEU A 186 6.89 -23.23 15.08
C LEU A 186 7.61 -24.29 14.22
N ASP A 187 7.28 -25.56 14.45
CA ASP A 187 7.83 -26.65 13.62
C ASP A 187 7.47 -26.42 12.15
N TRP A 188 6.21 -26.08 11.89
CA TRP A 188 5.78 -25.82 10.52
C TRP A 188 6.53 -24.61 9.92
N CYS A 189 6.68 -23.56 10.72
CA CYS A 189 7.38 -22.37 10.26
C CYS A 189 8.85 -22.68 9.95
N ASN A 190 9.50 -23.47 10.82
CA ASN A 190 10.89 -23.90 10.61
C ASN A 190 11.05 -24.66 9.30
N GLU A 191 10.07 -25.49 8.98
CA GLU A 191 10.08 -26.25 7.73
C GLU A 191 9.94 -25.35 6.50
N MET A 192 9.05 -24.35 6.58
CA MET A 192 8.89 -23.38 5.49
C MET A 192 10.20 -22.65 5.21
N LEU A 193 10.93 -22.26 6.26
CA LEU A 193 12.20 -21.57 6.10
C LEU A 193 13.34 -22.50 5.63
N ARG A 194 13.26 -23.77 5.98
CA ARG A 194 14.20 -24.77 5.46
C ARG A 194 13.99 -24.93 3.95
N VAL A 195 12.74 -24.97 3.51
CA VAL A 195 12.40 -25.14 2.08
C VAL A 195 12.80 -23.89 1.26
N ASP A 196 12.58 -22.71 1.81
CA ASP A 196 13.05 -21.48 1.19
C ASP A 196 13.40 -20.45 2.25
N GLY A 197 14.69 -20.34 2.55
CA GLY A 197 15.18 -19.39 3.55
C GLY A 197 14.99 -17.94 3.15
N ARG A 198 14.73 -17.68 1.88
CA ARG A 198 14.48 -16.32 1.38
C ARG A 198 12.98 -15.96 1.45
N ASN A 199 12.18 -16.78 2.11
CA ASN A 199 10.75 -16.47 2.24
C ASN A 199 10.50 -15.50 3.37
N ASN A 200 10.52 -14.21 3.06
CA ASN A 200 10.29 -13.16 4.06
C ASN A 200 8.95 -13.27 4.82
N SER A 201 7.95 -13.88 4.19
CA SER A 201 6.64 -14.04 4.83
C SER A 201 6.76 -14.99 6.01
N ALA A 202 7.57 -16.05 5.85
CA ALA A 202 7.79 -17.04 6.90
C ALA A 202 8.68 -16.49 8.01
N TRP A 203 9.64 -15.63 7.65
CA TRP A 203 10.39 -14.87 8.66
C TRP A 203 9.46 -13.97 9.52
N GLY A 204 8.52 -13.29 8.86
CA GLY A 204 7.55 -12.48 9.58
C GLY A 204 6.72 -13.30 10.55
N TRP A 205 6.31 -14.49 10.12
CA TRP A 205 5.57 -15.42 10.98
C TRP A 205 6.43 -15.89 12.16
N ARG A 206 7.69 -16.23 11.89
CA ARG A 206 8.60 -16.57 12.99
C ARG A 206 8.65 -15.46 14.04
N TRP A 207 8.71 -14.21 13.60
CA TRP A 207 8.73 -13.05 14.51
C TRP A 207 7.49 -13.05 15.41
N TYR A 208 6.32 -13.27 14.83
CA TYR A 208 5.10 -13.37 15.62
C TYR A 208 5.21 -14.51 16.64
N LEU A 209 5.61 -15.68 16.15
CA LEU A 209 5.68 -16.87 17.02
C LEU A 209 6.68 -16.75 18.17
N ARG A 210 7.84 -16.13 17.90
CA ARG A 210 8.92 -16.11 18.89
C ARG A 210 9.04 -14.79 19.64
N VAL A 211 8.57 -13.70 19.07
CA VAL A 211 8.81 -12.38 19.66
C VAL A 211 7.55 -11.58 20.00
N SER A 212 6.71 -11.31 19.02
CA SER A 212 5.66 -10.31 19.19
C SER A 212 4.39 -10.80 19.90
N ARG A 213 4.01 -12.07 19.69
CA ARG A 213 2.76 -12.56 20.30
C ARG A 213 2.83 -12.47 21.83
N PRO A 214 1.71 -12.14 22.50
CA PRO A 214 1.75 -11.92 23.97
C PRO A 214 2.22 -13.14 24.78
N GLY A 215 1.94 -14.35 24.29
CA GLY A 215 2.33 -15.56 25.02
C GLY A 215 3.77 -16.04 24.79
N ALA A 216 4.54 -15.29 24.00
CA ALA A 216 5.93 -15.67 23.72
C ALA A 216 6.80 -15.57 24.97
N GLU A 217 7.65 -16.57 25.15
CA GLU A 217 8.56 -16.66 26.28
C GLU A 217 9.76 -15.75 26.00
N THR A 218 10.20 -14.99 27.00
CA THR A 218 11.42 -14.19 26.90
C THR A 218 12.30 -14.49 28.11
N SER A 219 13.39 -15.21 27.87
CA SER A 219 14.31 -15.58 28.92
C SER A 219 15.71 -15.52 28.32
N SER A 220 16.73 -15.64 29.16
CA SER A 220 18.09 -15.67 28.67
C SER A 220 18.29 -16.81 27.66
N ARG A 221 17.74 -17.99 27.95
CA ARG A 221 17.84 -19.13 27.03
C ARG A 221 17.06 -18.91 25.73
N SER A 222 15.94 -18.22 25.84
CA SER A 222 15.09 -17.89 24.70
C SER A 222 15.85 -17.01 23.70
N LEU A 223 16.47 -15.94 24.21
CA LEU A 223 17.26 -15.01 23.41
C LEU A 223 18.45 -15.72 22.77
N GLN A 224 19.15 -16.51 23.58
CA GLN A 224 20.22 -17.39 23.13
C GLN A 224 19.83 -18.26 21.94
N ASP A 225 18.78 -19.05 22.12
CA ASP A 225 18.25 -19.93 21.09
C ASP A 225 17.98 -19.15 19.80
N GLU A 226 17.29 -18.00 19.94
CA GLU A 226 16.91 -17.20 18.81
C GLU A 226 18.14 -16.67 18.06
N LEU A 227 19.09 -16.11 18.80
CA LEU A 227 20.36 -15.65 18.21
C LEU A 227 21.08 -16.75 17.44
N ILE A 228 21.15 -17.95 18.03
CA ILE A 228 21.74 -19.11 17.35
C ILE A 228 21.01 -19.35 16.02
N TYR A 229 19.68 -19.40 16.05
CA TYR A 229 18.91 -19.62 14.82
C TYR A 229 19.18 -18.55 13.75
N ILE A 230 19.21 -17.28 14.17
CA ILE A 230 19.48 -16.15 13.27
C ILE A 230 20.88 -16.23 12.65
N LEU A 231 21.91 -16.36 13.49
CA LEU A 231 23.28 -16.45 12.96
C LEU A 231 23.45 -17.64 12.02
N LYS A 232 22.92 -18.80 12.39
CA LYS A 232 22.99 -19.99 11.53
C LYS A 232 22.38 -19.73 10.16
N SER A 233 21.22 -19.08 10.16
CA SER A 233 20.55 -18.66 8.94
C SER A 233 21.42 -17.76 8.05
N ILE A 234 22.05 -16.75 8.66
CA ILE A 234 22.98 -15.87 7.94
C ILE A 234 24.15 -16.66 7.32
N HIS A 235 24.76 -17.54 8.10
CA HIS A 235 25.90 -18.34 7.64
C HIS A 235 25.52 -19.28 6.49
N LEU A 236 24.28 -19.73 6.49
CA LEU A 236 23.76 -20.57 5.42
C LEU A 236 23.53 -19.78 4.13
N ILE A 237 23.02 -18.56 4.26
CA ILE A 237 22.77 -17.68 3.11
C ILE A 237 23.20 -16.25 3.46
N PRO A 238 24.51 -15.95 3.34
CA PRO A 238 25.04 -14.64 3.74
C PRO A 238 24.44 -13.42 3.06
N HIS A 239 23.94 -13.56 1.83
CA HIS A 239 23.36 -12.42 1.13
C HIS A 239 21.83 -12.28 1.33
N ASN A 240 21.26 -13.08 2.24
CA ASN A 240 19.81 -13.09 2.49
C ASN A 240 19.34 -11.90 3.33
N VAL A 241 18.75 -10.90 2.66
CA VAL A 241 18.29 -9.68 3.32
C VAL A 241 17.26 -9.98 4.43
N SER A 242 16.42 -10.99 4.23
CA SER A 242 15.45 -11.38 5.26
C SER A 242 16.09 -11.66 6.61
N ALA A 243 17.20 -12.41 6.60
CA ALA A 243 17.90 -12.82 7.81
C ALA A 243 18.61 -11.65 8.50
N TRP A 244 19.25 -10.79 7.69
CA TRP A 244 19.85 -9.56 8.22
C TRP A 244 18.82 -8.64 8.91
N ASN A 245 17.68 -8.40 8.26
CA ASN A 245 16.63 -7.53 8.82
C ASN A 245 16.07 -8.11 10.12
N TYR A 246 15.97 -9.43 10.16
CA TYR A 246 15.53 -10.10 11.37
C TYR A 246 16.59 -9.93 12.48
N LEU A 247 17.86 -10.16 12.16
CA LEU A 247 18.92 -9.89 13.13
C LEU A 247 18.82 -8.47 13.71
N ARG A 248 18.78 -7.47 12.83
CA ARG A 248 18.70 -6.08 13.26
C ARG A 248 17.44 -5.76 14.06
N GLY A 249 16.30 -6.28 13.61
CA GLY A 249 15.04 -6.11 14.36
C GLY A 249 15.13 -6.75 15.73
N PHE A 250 15.69 -7.95 15.80
CA PHE A 250 15.86 -8.68 17.06
C PHE A 250 16.70 -7.91 18.08
N LEU A 251 17.90 -7.47 17.67
CA LEU A 251 18.81 -6.75 18.57
C LEU A 251 18.19 -5.45 19.04
N LYS A 252 17.51 -4.75 18.13
CA LYS A 252 16.87 -3.49 18.46
C LYS A 252 15.73 -3.68 19.45
N HIS A 253 14.86 -4.65 19.19
CA HIS A 253 13.68 -4.90 20.01
C HIS A 253 14.05 -5.24 21.46
N PHE A 254 15.07 -6.07 21.63
CA PHE A 254 15.50 -6.51 22.96
C PHE A 254 16.63 -5.67 23.55
N SER A 255 16.90 -4.52 22.93
CA SER A 255 17.96 -3.59 23.34
C SER A 255 19.29 -4.29 23.62
N LEU A 256 19.69 -5.18 22.72
CA LEU A 256 20.96 -5.90 22.86
C LEU A 256 22.04 -5.20 22.06
N PRO A 257 23.27 -5.08 22.64
CA PRO A 257 24.39 -4.44 21.94
C PRO A 257 24.87 -5.28 20.76
N LEU A 258 25.37 -4.61 19.72
CA LEU A 258 25.86 -5.25 18.50
C LEU A 258 27.28 -5.82 18.67
N VAL A 259 28.08 -5.13 19.46
CA VAL A 259 29.50 -5.47 19.62
C VAL A 259 29.79 -6.95 19.99
N PRO A 260 29.11 -7.51 21.02
CA PRO A 260 29.47 -8.90 21.40
C PRO A 260 29.24 -9.96 20.30
N ILE A 261 28.41 -9.64 19.32
CA ILE A 261 28.13 -10.57 18.22
C ILE A 261 29.05 -10.31 17.02
N LEU A 262 29.70 -9.16 17.02
CA LEU A 262 30.56 -8.74 15.90
C LEU A 262 31.53 -9.80 15.31
N PRO A 263 32.14 -10.68 16.15
CA PRO A 263 32.99 -11.71 15.56
C PRO A 263 32.30 -12.61 14.53
N ALA A 264 31.00 -12.81 14.66
CA ALA A 264 30.21 -13.63 13.73
C ALA A 264 29.92 -12.93 12.40
N ILE A 265 30.04 -11.59 12.40
CA ILE A 265 29.71 -10.75 11.25
C ILE A 265 30.96 -10.23 10.52
N LEU A 266 32.03 -10.00 11.27
CA LEU A 266 33.26 -9.43 10.72
C LEU A 266 33.82 -10.13 9.44
N PRO A 267 33.75 -11.47 9.36
CA PRO A 267 34.21 -12.10 8.11
C PRO A 267 33.48 -11.69 6.82
N TYR A 268 32.24 -11.22 6.93
CA TYR A 268 31.48 -10.77 5.77
C TYR A 268 31.81 -9.32 5.37
N THR A 269 32.64 -8.64 6.17
CA THR A 269 32.98 -7.23 5.93
C THR A 269 34.31 -7.04 5.19
N ALA A 270 35.07 -8.12 5.06
CA ALA A 270 36.47 -8.07 4.60
C ALA A 270 36.67 -7.56 3.17
N PHE A 285 28.68 -18.77 19.95
CA PHE A 285 27.70 -18.52 18.90
C PHE A 285 28.19 -18.99 17.54
N PRO A 286 27.28 -19.37 16.63
CA PRO A 286 27.69 -19.87 15.33
C PRO A 286 28.56 -18.88 14.56
N MET A 287 29.64 -19.41 13.98
CA MET A 287 30.58 -18.63 13.17
C MET A 287 30.45 -19.00 11.69
N PRO A 288 30.90 -18.12 10.76
CA PRO A 288 30.83 -18.44 9.34
C PRO A 288 31.53 -19.75 9.00
N SER A 289 31.11 -20.41 7.93
CA SER A 289 31.80 -21.61 7.43
C SER A 289 33.24 -21.27 7.12
N PRO A 291 35.69 -22.29 5.45
CA PRO A 291 35.68 -21.52 4.20
C PRO A 291 34.25 -21.15 3.79
N LEU A 292 34.05 -19.90 3.41
CA LEU A 292 32.71 -19.40 3.05
C LEU A 292 32.10 -20.25 1.92
N PRO A 293 30.77 -20.37 1.89
CA PRO A 293 30.15 -21.03 0.73
C PRO A 293 30.50 -20.34 -0.59
N GLU A 294 30.57 -21.13 -1.67
CA GLU A 294 30.79 -20.61 -3.02
C GLU A 294 29.73 -19.58 -3.38
N ASP A 295 30.05 -18.71 -4.35
CA ASP A 295 29.16 -17.64 -4.81
C ASP A 295 28.74 -16.73 -3.65
N THR A 296 29.74 -16.32 -2.86
CA THR A 296 29.56 -15.39 -1.77
C THR A 296 30.58 -14.24 -1.92
N PRO A 297 30.32 -13.31 -2.86
CA PRO A 297 31.25 -12.20 -3.07
C PRO A 297 31.23 -11.24 -1.88
N LEU A 298 32.40 -10.72 -1.51
CA LEU A 298 32.48 -9.84 -0.34
C LEU A 298 32.88 -8.42 -0.75
N PRO A 299 32.51 -7.40 0.06
CA PRO A 299 31.72 -7.49 1.29
C PRO A 299 30.22 -7.62 1.04
N VAL A 300 29.51 -8.12 2.05
CA VAL A 300 28.04 -8.10 2.06
C VAL A 300 27.67 -6.71 2.61
N PRO A 301 26.95 -5.89 1.80
CA PRO A 301 26.60 -4.53 2.26
C PRO A 301 25.96 -4.43 3.66
N LEU A 302 25.02 -5.32 3.99
CA LEU A 302 24.37 -5.24 5.30
C LEU A 302 25.29 -5.66 6.45
N ALA A 303 26.35 -6.40 6.14
CA ALA A 303 27.41 -6.67 7.11
C ALA A 303 28.22 -5.40 7.40
N LEU A 304 28.49 -4.62 6.36
CA LEU A 304 29.08 -3.29 6.52
C LEU A 304 28.19 -2.34 7.31
N GLU A 305 26.88 -2.39 7.05
CA GLU A 305 25.92 -1.62 7.82
C GLU A 305 26.00 -2.00 9.29
N TYR A 306 26.03 -3.30 9.57
CA TYR A 306 26.19 -3.80 10.94
C TYR A 306 27.49 -3.25 11.56
N LEU A 307 28.59 -3.33 10.82
CA LEU A 307 29.89 -2.81 11.29
C LEU A 307 29.83 -1.32 11.65
N ALA A 308 29.26 -0.51 10.75
CA ALA A 308 29.14 0.93 10.98
C ALA A 308 28.30 1.24 12.21
N ASP A 309 27.16 0.58 12.35
CA ASP A 309 26.28 0.76 13.50
C ASP A 309 26.96 0.35 14.82
N SER A 310 27.83 -0.64 14.77
CA SER A 310 28.59 -1.08 15.95
C SER A 310 29.66 -0.04 16.35
N PHE A 311 30.30 0.58 15.36
CA PHE A 311 31.20 1.70 15.61
C PHE A 311 30.46 2.85 16.31
N ILE A 312 29.26 3.17 15.82
CA ILE A 312 28.41 4.21 16.43
C ILE A 312 28.04 3.85 17.88
N GLU A 313 27.71 2.59 18.12
CA GLU A 313 27.48 2.08 19.48
C GLU A 313 28.69 2.35 20.39
N GLN A 314 29.89 2.30 19.81
CA GLN A 314 31.14 2.54 20.54
C GLN A 314 31.59 4.01 20.55
N ASN A 315 30.76 4.89 19.98
CA ASN A 315 31.07 6.32 19.82
C ASN A 315 32.25 6.59 18.89
N ARG A 316 32.60 5.58 18.11
CA ARG A 316 33.66 5.69 17.11
C ARG A 316 33.05 6.19 15.79
N VAL A 317 32.70 7.48 15.77
CA VAL A 317 31.95 8.08 14.65
C VAL A 317 32.75 8.25 13.36
N ASP A 318 34.05 8.50 13.48
CA ASP A 318 34.94 8.61 12.34
C ASP A 318 35.05 7.28 11.59
N ASP A 319 35.18 6.20 12.35
CA ASP A 319 35.23 4.85 11.79
C ASP A 319 33.89 4.46 11.15
N ALA A 320 32.79 4.86 11.78
CA ALA A 320 31.46 4.63 11.18
C ALA A 320 31.30 5.40 9.87
N ALA A 321 31.72 6.67 9.88
CA ALA A 321 31.66 7.52 8.69
C ALA A 321 32.42 6.91 7.51
N LYS A 322 33.62 6.39 7.79
CA LYS A 322 34.45 5.71 6.80
C LYS A 322 33.76 4.51 6.16
N VAL A 323 33.00 3.76 6.94
CA VAL A 323 32.26 2.61 6.41
C VAL A 323 31.07 3.09 5.57
N PHE A 324 30.37 4.12 6.03
CA PHE A 324 29.25 4.66 5.27
C PHE A 324 29.72 5.22 3.95
N GLU A 325 30.88 5.86 3.97
CA GLU A 325 31.47 6.41 2.77
C GLU A 325 31.73 5.31 1.72
N LYS A 326 32.28 4.18 2.18
CA LYS A 326 32.56 3.03 1.32
C LYS A 326 31.27 2.40 0.75
N LEU A 327 30.27 2.27 1.60
CA LEU A 327 28.96 1.80 1.14
C LEU A 327 28.44 2.71 0.03
N SER A 328 28.58 4.02 0.25
CA SER A 328 28.09 5.05 -0.64
C SER A 328 28.80 5.07 -2.01
N SER A 329 30.13 5.04 -1.99
CA SER A 329 30.93 5.20 -3.21
C SER A 329 31.31 3.89 -3.91
N GLU A 330 31.34 2.79 -3.17
CA GLU A 330 31.84 1.53 -3.74
C GLU A 330 30.88 0.34 -3.63
N TYR A 331 30.45 0.03 -2.41
CA TYR A 331 29.84 -1.27 -2.14
C TYR A 331 28.32 -1.38 -2.27
N ASP A 332 27.62 -0.26 -2.19
CA ASP A 332 26.16 -0.26 -2.36
C ASP A 332 25.73 1.04 -3.03
N GLN A 333 26.21 1.24 -4.25
CA GLN A 333 26.11 2.52 -4.94
C GLN A 333 24.68 2.92 -5.31
N MET A 334 23.76 1.95 -5.36
CA MET A 334 22.35 2.27 -5.60
C MET A 334 21.79 3.21 -4.50
N ARG A 335 22.31 3.05 -3.28
CA ARG A 335 21.94 3.87 -2.11
C ARG A 335 23.02 4.89 -1.75
N ALA A 336 23.71 5.41 -2.77
CA ALA A 336 24.82 6.35 -2.55
C ALA A 336 24.37 7.53 -1.70
N GLY A 337 23.19 8.06 -2.01
CA GLY A 337 22.64 9.22 -1.29
C GLY A 337 22.28 8.94 0.16
N TYR A 338 21.62 7.81 0.41
CA TYR A 338 21.30 7.37 1.76
C TYR A 338 22.56 7.15 2.61
N TRP A 339 23.55 6.46 2.06
CA TRP A 339 24.77 6.17 2.82
C TRP A 339 25.58 7.45 3.08
N GLU A 340 25.53 8.38 2.13
CA GLU A 340 26.10 9.71 2.29
C GLU A 340 25.39 10.49 3.41
N PHE A 341 24.06 10.38 3.45
CA PHE A 341 23.27 10.96 4.54
C PHE A 341 23.69 10.39 5.91
N ARG A 342 23.84 9.08 5.99
CA ARG A 342 24.32 8.43 7.21
C ARG A 342 25.75 8.88 7.56
N ARG A 343 26.59 8.99 6.54
CA ARG A 343 27.97 9.50 6.68
C ARG A 343 27.98 10.92 7.28
N ARG A 344 27.19 11.82 6.71
CA ARG A 344 27.07 13.20 7.18
C ARG A 344 26.56 13.32 8.60
N GLU A 345 25.71 12.39 8.99
CA GLU A 345 25.20 12.30 10.36
C GLU A 345 26.32 12.17 11.37
N CYS A 346 27.37 11.45 10.99
CA CYS A 346 28.54 11.22 11.84
C CYS A 346 29.46 12.43 11.95
N ALA A 347 29.56 13.22 10.89
CA ALA A 347 30.48 14.38 10.84
C ALA A 347 29.75 15.71 10.68
N ALA B 2 23.61 17.89 -9.03
CA ALA B 2 22.26 17.26 -8.90
C ALA B 2 22.36 15.73 -8.74
N THR B 3 23.29 15.12 -9.47
CA THR B 3 23.29 13.67 -9.66
C THR B 3 24.52 12.92 -9.12
N GLU B 4 25.29 13.60 -8.25
CA GLU B 4 26.51 13.00 -7.71
C GLU B 4 26.23 11.69 -6.96
N PHE B 5 25.07 11.62 -6.32
CA PHE B 5 24.75 10.48 -5.48
C PHE B 5 23.59 9.68 -6.05
N THR B 6 23.30 9.90 -7.33
CA THR B 6 22.27 9.17 -8.05
C THR B 6 22.83 8.64 -9.37
N PRO B 7 23.70 7.60 -9.31
CA PRO B 7 24.29 7.06 -10.53
C PRO B 7 23.30 6.37 -11.47
N SER B 8 23.51 6.53 -12.77
CA SER B 8 22.74 5.82 -13.78
C SER B 8 23.02 4.33 -13.69
N VAL B 9 21.96 3.55 -13.92
CA VAL B 9 22.08 2.09 -14.04
C VAL B 9 23.12 1.69 -15.09
N TYR B 10 23.26 2.49 -16.14
CA TYR B 10 24.21 2.20 -17.21
C TYR B 10 25.67 2.44 -16.80
N SER B 11 25.88 3.20 -15.73
CA SER B 11 27.21 3.53 -15.23
C SER B 11 27.69 2.54 -14.17
N LEU B 12 26.80 1.65 -13.75
CA LEU B 12 27.11 0.66 -12.70
C LEU B 12 27.31 -0.76 -13.25
N VAL B 13 28.09 -1.57 -12.52
CA VAL B 13 28.26 -2.98 -12.88
C VAL B 13 26.96 -3.76 -12.58
N SER B 14 26.42 -4.45 -13.59
CA SER B 14 25.26 -5.32 -13.35
C SER B 14 25.75 -6.71 -12.95
N LYS B 15 25.29 -7.18 -11.79
CA LYS B 15 25.65 -8.50 -11.25
C LYS B 15 24.39 -9.12 -10.65
N PRO B 16 24.20 -10.45 -10.83
CA PRO B 16 23.05 -11.14 -10.22
C PRO B 16 23.12 -11.16 -8.69
N LEU B 17 21.97 -11.25 -8.03
CA LEU B 17 21.97 -11.57 -6.59
C LEU B 17 22.72 -12.89 -6.40
N PRO B 18 23.74 -12.90 -5.52
CA PRO B 18 24.54 -14.11 -5.31
C PRO B 18 23.73 -15.23 -4.62
N SER B 19 24.06 -16.48 -4.96
CA SER B 19 23.29 -17.61 -4.48
C SER B 19 23.74 -18.16 -3.14
N ASN B 20 25.00 -17.92 -2.78
CA ASN B 20 25.62 -18.56 -1.61
C ASN B 20 25.56 -20.09 -1.69
N SER B 21 25.45 -20.60 -2.92
CA SER B 21 25.34 -22.04 -3.19
C SER B 21 24.10 -22.69 -2.57
N ARG B 22 23.09 -21.87 -2.29
CA ARG B 22 21.82 -22.37 -1.76
C ARG B 22 20.67 -21.97 -2.69
N PRO B 23 20.28 -22.86 -3.60
CA PRO B 23 19.15 -22.59 -4.49
C PRO B 23 17.83 -22.51 -3.73
N SER B 24 16.91 -21.66 -4.20
CA SER B 24 15.52 -21.67 -3.71
C SER B 24 14.56 -21.08 -4.73
N ALA B 25 13.27 -21.33 -4.54
CA ALA B 25 12.22 -20.80 -5.41
C ALA B 25 12.33 -19.27 -5.58
N THR B 26 12.56 -18.56 -4.47
CA THR B 26 12.76 -17.11 -4.50
C THR B 26 13.89 -16.71 -5.46
N LEU B 27 15.04 -17.37 -5.34
CA LEU B 27 16.19 -17.08 -6.19
C LEU B 27 15.96 -17.44 -7.68
N ASP B 28 15.29 -18.55 -7.95
CA ASP B 28 14.94 -18.92 -9.34
C ASP B 28 14.13 -17.81 -10.03
N GLU B 29 13.09 -17.32 -9.35
CA GLU B 29 12.28 -16.22 -9.87
C GLU B 29 13.09 -14.94 -10.02
N GLN B 30 13.92 -14.63 -9.03
CA GLN B 30 14.77 -13.43 -9.05
C GLN B 30 15.72 -13.44 -10.26
N ALA B 31 16.47 -14.53 -10.43
CA ALA B 31 17.42 -14.68 -11.54
C ALA B 31 16.77 -14.52 -12.89
N GLU B 32 15.60 -15.13 -13.04
CA GLU B 32 14.78 -15.01 -14.24
C GLU B 32 14.37 -13.56 -14.52
N THR B 33 13.98 -12.84 -13.47
CA THR B 33 13.57 -11.44 -13.61
C THR B 33 14.77 -10.54 -13.93
N GLU B 34 15.90 -10.80 -13.27
CA GLU B 34 17.15 -10.12 -13.58
C GLU B 34 17.52 -10.24 -15.05
N ASP B 35 17.38 -11.45 -15.59
CA ASP B 35 17.68 -11.71 -17.00
C ASP B 35 16.78 -10.89 -17.90
N LEU B 36 15.46 -10.93 -17.65
CA LEU B 36 14.46 -10.18 -18.42
C LEU B 36 14.69 -8.67 -18.45
N ILE B 37 14.88 -8.09 -17.27
CA ILE B 37 15.11 -6.64 -17.16
C ILE B 37 16.45 -6.22 -17.77
N SER B 38 17.54 -6.92 -17.44
CA SER B 38 18.85 -6.53 -17.97
C SER B 38 18.90 -6.66 -19.48
N GLN B 39 18.19 -7.64 -20.03
CA GLN B 39 18.17 -7.80 -21.50
C GLN B 39 17.44 -6.66 -22.19
N LEU B 40 16.38 -6.15 -21.58
CA LEU B 40 15.69 -4.97 -22.10
C LEU B 40 16.58 -3.72 -22.03
N PHE B 41 17.27 -3.53 -20.91
CA PHE B 41 18.23 -2.45 -20.80
C PHE B 41 19.33 -2.53 -21.86
N ASP B 42 19.82 -3.75 -22.13
CA ASP B 42 20.85 -3.95 -23.17
C ASP B 42 20.37 -3.58 -24.57
N LEU B 43 19.08 -3.76 -24.84
CA LEU B 43 18.50 -3.43 -26.16
C LEU B 43 18.11 -1.95 -26.30
N THR B 44 18.22 -1.19 -25.20
CA THR B 44 17.72 0.17 -25.16
C THR B 44 18.88 1.17 -25.03
N ALA B 45 18.80 2.26 -25.79
CA ALA B 45 19.82 3.31 -25.69
C ALA B 45 19.78 3.96 -24.32
N ASP B 46 20.96 4.15 -23.74
CA ASP B 46 21.11 4.86 -22.47
C ASP B 46 20.39 6.22 -22.60
N PRO B 47 19.37 6.47 -21.76
CA PRO B 47 18.64 7.74 -21.91
C PRO B 47 19.52 8.96 -21.67
N ASN B 48 20.64 8.77 -20.98
CA ASN B 48 21.50 9.90 -20.63
C ASN B 48 22.47 10.32 -21.73
N ALA B 49 22.60 9.47 -22.75
CA ALA B 49 23.58 9.70 -23.83
C ALA B 49 23.16 10.80 -24.79
N LEU B 50 24.16 11.48 -25.35
CA LEU B 50 23.96 12.41 -26.44
C LEU B 50 23.99 11.63 -27.75
N VAL B 51 25.06 10.82 -27.92
CA VAL B 51 25.14 9.86 -29.04
C VAL B 51 24.09 8.76 -28.83
N SER B 52 22.82 9.16 -28.92
CA SER B 52 21.67 8.24 -28.83
C SER B 52 21.84 7.12 -29.84
N GLU B 53 22.17 5.93 -29.33
CA GLU B 53 22.74 4.83 -30.14
C GLU B 53 21.91 4.34 -31.33
N HIS B 54 22.62 4.11 -32.44
CA HIS B 54 22.04 3.56 -33.66
C HIS B 54 21.80 2.07 -33.49
N GLY B 55 20.58 1.63 -33.82
CA GLY B 55 20.19 0.22 -33.69
C GLY B 55 19.39 -0.10 -32.42
N LYS B 56 19.48 0.74 -31.41
CA LYS B 56 18.84 0.47 -30.11
C LYS B 56 17.51 1.18 -29.95
N ARG B 57 16.67 0.66 -29.06
CA ARG B 57 15.37 1.28 -28.76
C ARG B 57 15.58 2.63 -28.09
N TYR B 58 14.81 3.63 -28.52
CA TYR B 58 14.79 4.93 -27.87
C TYR B 58 13.84 4.90 -26.66
N SER B 59 14.33 5.31 -25.49
CA SER B 59 13.56 5.21 -24.23
C SER B 59 12.63 6.38 -23.90
N GLY B 60 12.59 7.41 -24.76
CA GLY B 60 11.73 8.57 -24.47
C GLY B 60 10.31 8.19 -24.05
N LEU B 61 9.76 8.96 -23.12
CA LEU B 61 8.41 8.70 -22.61
C LEU B 61 7.39 8.87 -23.74
N ARG B 62 6.68 7.80 -24.05
CA ARG B 62 5.78 7.79 -25.20
C ARG B 62 4.40 8.28 -24.80
N LYS B 63 4.33 9.58 -24.49
CA LYS B 63 3.15 10.21 -23.92
C LYS B 63 1.89 10.03 -24.74
N GLN B 64 2.03 10.07 -26.06
CA GLN B 64 0.87 9.96 -26.95
C GLN B 64 0.31 8.55 -26.95
N GLU B 65 1.18 7.54 -26.95
CA GLU B 65 0.75 6.15 -26.80
C GLU B 65 0.03 5.94 -25.46
N HIS B 66 0.58 6.51 -24.39
CA HIS B 66 -0.05 6.37 -23.07
C HIS B 66 -1.40 7.06 -23.01
N THR B 67 -1.50 8.22 -23.65
CA THR B 67 -2.78 8.92 -23.80
C THR B 67 -3.81 8.06 -24.54
N GLN B 68 -3.41 7.46 -25.66
CA GLN B 68 -4.33 6.57 -26.43
C GLN B 68 -4.75 5.36 -25.59
N PHE B 69 -3.80 4.79 -24.84
CA PHE B 69 -4.12 3.68 -23.91
C PHE B 69 -5.25 4.05 -22.92
N LEU B 70 -5.16 5.24 -22.36
CA LEU B 70 -6.12 5.70 -21.35
C LEU B 70 -7.46 6.12 -21.95
N ALA B 71 -7.46 6.54 -23.22
CA ALA B 71 -8.66 6.99 -23.89
C ALA B 71 -9.61 5.83 -24.14
N SER B 72 -9.04 4.71 -24.53
CA SER B 72 -9.77 3.56 -25.06
C SER B 72 -10.43 2.79 -23.92
N SER B 73 -9.73 2.76 -22.80
CA SER B 73 -10.35 2.45 -21.52
C SER B 73 -11.40 3.49 -21.06
N PHE B 74 -11.28 4.74 -21.52
CA PHE B 74 -12.11 5.85 -21.02
C PHE B 74 -13.58 5.63 -21.23
N PHE B 75 -14.00 5.30 -22.47
CA PHE B 75 -15.43 5.30 -22.88
C PHE B 75 -16.10 3.97 -23.28
N GLN B 76 -15.36 2.87 -23.22
CA GLN B 76 -15.95 1.54 -23.37
C GLN B 76 -14.88 0.50 -23.09
N LEU B 77 -15.15 -0.32 -22.08
CA LEU B 77 -14.22 -1.34 -21.62
C LEU B 77 -14.74 -2.73 -21.99
N PRO B 78 -13.83 -3.62 -22.48
CA PRO B 78 -14.20 -5.00 -22.83
C PRO B 78 -14.73 -5.80 -21.64
N GLY B 79 -15.41 -6.91 -21.95
CA GLY B 79 -16.03 -7.79 -20.96
C GLY B 79 -15.15 -8.27 -19.83
N LYS B 80 -13.86 -8.47 -20.12
CA LYS B 80 -12.88 -8.87 -19.09
C LYS B 80 -12.76 -7.88 -17.92
N PHE B 81 -13.16 -6.62 -18.12
CA PHE B 81 -13.11 -5.62 -17.04
C PHE B 81 -14.18 -5.80 -15.94
N VAL B 82 -15.08 -6.77 -16.10
CA VAL B 82 -16.08 -7.03 -15.07
C VAL B 82 -15.42 -7.36 -13.71
N SER B 83 -14.19 -7.86 -13.77
CA SER B 83 -13.42 -8.11 -12.55
C SER B 83 -13.15 -6.82 -11.77
N LEU B 84 -13.34 -5.66 -12.41
CA LEU B 84 -13.18 -4.34 -11.77
C LEU B 84 -14.48 -3.52 -11.67
N ASP B 85 -15.62 -4.21 -11.78
CA ASP B 85 -16.94 -3.58 -11.70
C ASP B 85 -17.18 -2.91 -10.35
N ALA B 86 -16.49 -3.38 -9.32
CA ALA B 86 -16.59 -2.78 -7.99
C ALA B 86 -15.45 -1.80 -7.72
N SER B 87 -14.72 -1.44 -8.78
CA SER B 87 -13.61 -0.50 -8.71
C SER B 87 -13.69 0.58 -9.79
N ARG B 88 -14.89 0.89 -10.27
CA ARG B 88 -15.00 1.90 -11.34
C ARG B 88 -14.43 3.31 -11.00
N PRO B 89 -14.61 3.78 -9.74
CA PRO B 89 -13.97 5.05 -9.36
C PRO B 89 -12.45 5.02 -9.44
N TRP B 90 -11.85 3.85 -9.22
CA TRP B 90 -10.38 3.71 -9.38
C TRP B 90 -10.05 3.83 -10.85
N LEU B 91 -10.87 3.23 -11.72
CA LEU B 91 -10.66 3.36 -13.15
C LEU B 91 -10.70 4.83 -13.57
N VAL B 92 -11.64 5.58 -12.99
CA VAL B 92 -11.73 7.00 -13.23
C VAL B 92 -10.45 7.69 -12.75
N PHE B 93 -10.05 7.42 -11.51
CA PHE B 93 -8.92 8.12 -10.90
C PHE B 93 -7.62 7.83 -11.64
N TRP B 94 -7.36 6.55 -11.92
CA TRP B 94 -6.15 6.17 -12.64
C TRP B 94 -6.06 6.89 -13.98
N THR B 95 -7.21 7.03 -14.64
CA THR B 95 -7.27 7.68 -15.93
C THR B 95 -7.03 9.19 -15.80
N VAL B 96 -7.82 9.86 -14.96
CA VAL B 96 -7.79 11.33 -14.94
C VAL B 96 -6.52 11.87 -14.29
N HIS B 97 -5.99 11.16 -13.29
CA HIS B 97 -4.73 11.59 -12.70
C HIS B 97 -3.56 11.37 -13.67
N SER B 98 -3.54 10.23 -14.37
CA SER B 98 -2.48 10.00 -15.37
C SER B 98 -2.54 11.07 -16.46
N LEU B 99 -3.74 11.44 -16.90
CA LEU B 99 -3.87 12.48 -17.94
C LEU B 99 -3.32 13.82 -17.43
N ASP B 100 -3.60 14.14 -16.17
CA ASP B 100 -3.03 15.33 -15.52
C ASP B 100 -1.49 15.28 -15.54
N LEU B 101 -0.92 14.15 -15.10
CA LEU B 101 0.53 13.99 -15.10
C LEU B 101 1.12 14.13 -16.53
N LEU B 102 0.41 13.58 -17.50
CA LEU B 102 0.87 13.58 -18.89
C LEU B 102 0.65 14.92 -19.57
N GLY B 103 -0.04 15.84 -18.88
CA GLY B 103 -0.29 17.17 -19.41
C GLY B 103 -1.39 17.25 -20.46
N VAL B 104 -2.33 16.32 -20.43
CA VAL B 104 -3.40 16.25 -21.43
C VAL B 104 -4.73 16.72 -20.82
N ALA B 105 -5.33 17.73 -21.42
CA ALA B 105 -6.56 18.33 -20.91
C ALA B 105 -7.78 17.55 -21.40
N LEU B 106 -8.76 17.39 -20.52
CA LEU B 106 -10.10 16.97 -20.93
C LEU B 106 -10.91 18.20 -21.29
N ASP B 107 -11.74 18.11 -22.33
CA ASP B 107 -12.69 19.19 -22.60
C ASP B 107 -13.81 19.22 -21.55
N GLN B 108 -14.50 20.35 -21.42
CA GLN B 108 -15.51 20.53 -20.38
C GLN B 108 -16.61 19.47 -20.43
N GLY B 109 -17.09 19.14 -21.63
CA GLY B 109 -18.10 18.09 -21.82
C GLY B 109 -17.68 16.75 -21.23
N THR B 110 -16.42 16.38 -21.45
CA THR B 110 -15.90 15.14 -20.91
C THR B 110 -15.76 15.20 -19.39
N LYS B 111 -15.31 16.36 -18.88
CA LYS B 111 -15.19 16.57 -17.45
C LYS B 111 -16.56 16.45 -16.78
N ASP B 112 -17.60 17.01 -17.43
CA ASP B 112 -18.96 16.93 -16.93
C ASP B 112 -19.46 15.49 -16.85
N ARG B 113 -19.10 14.66 -17.84
CA ARG B 113 -19.45 13.24 -17.80
C ARG B 113 -18.78 12.53 -16.61
N VAL B 114 -17.52 12.89 -16.33
CA VAL B 114 -16.79 12.31 -15.20
C VAL B 114 -17.50 12.65 -13.89
N VAL B 115 -17.84 13.93 -13.73
CA VAL B 115 -18.50 14.41 -12.51
C VAL B 115 -19.85 13.71 -12.35
N SER B 116 -20.67 13.72 -13.40
CA SER B 116 -22.01 13.09 -13.34
C SER B 116 -21.91 11.59 -13.00
N THR B 117 -20.95 10.91 -13.62
CA THR B 117 -20.76 9.46 -13.38
C THR B 117 -20.49 9.23 -11.89
N LEU B 118 -19.55 10.00 -11.35
CA LEU B 118 -19.15 9.85 -9.95
C LEU B 118 -20.26 10.23 -8.98
N LEU B 119 -21.06 11.25 -9.31
CA LEU B 119 -22.18 11.62 -8.43
C LEU B 119 -23.21 10.50 -8.33
N HIS B 120 -23.36 9.70 -9.38
CA HIS B 120 -24.28 8.56 -9.31
C HIS B 120 -23.78 7.43 -8.40
N PHE B 121 -22.49 7.50 -8.02
CA PHE B 121 -21.90 6.56 -7.08
C PHE B 121 -22.03 7.00 -5.62
N LEU B 122 -22.58 8.19 -5.38
CA LEU B 122 -22.67 8.74 -4.03
C LEU B 122 -24.00 8.36 -3.37
N SER B 123 -23.96 7.70 -2.21
CA SER B 123 -25.19 7.40 -1.46
C SER B 123 -25.61 8.57 -0.58
N PRO B 124 -26.93 8.84 -0.51
CA PRO B 124 -27.48 9.85 0.42
C PRO B 124 -27.09 9.62 1.89
N LYS B 125 -26.95 8.36 2.29
CA LYS B 125 -26.57 8.02 3.68
C LYS B 125 -25.08 8.24 3.98
N GLY B 126 -24.27 8.36 2.92
CA GLY B 126 -22.87 8.75 3.08
C GLY B 126 -21.85 7.89 2.37
N GLY B 127 -21.04 8.53 1.54
CA GLY B 127 -19.89 7.86 0.94
C GLY B 127 -20.17 7.41 -0.48
N PHE B 128 -19.10 7.14 -1.22
CA PHE B 128 -19.16 6.59 -2.57
C PHE B 128 -18.89 5.09 -2.53
N GLY B 129 -19.56 4.33 -3.40
CA GLY B 129 -19.20 2.93 -3.61
C GLY B 129 -18.47 2.71 -4.93
N GLY B 130 -18.21 1.44 -5.27
CA GLY B 130 -17.45 1.12 -6.49
C GLY B 130 -18.26 1.20 -7.77
N GLY B 131 -19.49 1.66 -7.64
CA GLY B 131 -20.39 1.80 -8.77
C GLY B 131 -21.59 2.57 -8.28
N PRO B 132 -22.67 2.54 -9.07
CA PRO B 132 -23.90 3.29 -8.80
C PRO B 132 -24.45 3.00 -7.39
N ALA B 133 -24.92 4.04 -6.72
CA ALA B 133 -25.52 3.88 -5.39
C ALA B 133 -26.72 2.90 -5.33
N ASN B 134 -27.40 2.64 -6.46
CA ASN B 134 -28.48 1.64 -6.47
C ASN B 134 -27.99 0.19 -6.59
N SER B 135 -26.68 0.03 -6.71
CA SER B 135 -26.02 -1.25 -6.98
C SER B 135 -24.98 -1.65 -5.94
N GLN B 136 -24.30 -0.67 -5.34
CA GLN B 136 -23.16 -0.94 -4.48
C GLN B 136 -23.19 -0.08 -3.22
N ILE B 137 -22.79 -0.67 -2.09
CA ILE B 137 -22.69 0.07 -0.82
C ILE B 137 -21.41 0.94 -0.77
N PRO B 138 -21.40 1.99 0.08
CA PRO B 138 -20.24 2.88 0.17
C PRO B 138 -19.01 2.18 0.75
N HIS B 139 -17.83 2.63 0.37
CA HIS B 139 -16.60 1.95 0.71
C HIS B 139 -15.55 3.06 0.79
N LEU B 140 -14.65 2.99 1.77
CA LEU B 140 -13.62 4.00 1.95
C LEU B 140 -12.71 4.24 0.73
N LEU B 141 -12.40 3.15 0.01
CA LEU B 141 -11.45 3.25 -1.11
C LEU B 141 -12.01 4.02 -2.32
N PRO B 142 -13.18 3.59 -2.86
CA PRO B 142 -13.80 4.45 -3.89
C PRO B 142 -14.21 5.84 -3.37
N THR B 143 -14.38 6.01 -2.07
CA THR B 143 -14.62 7.37 -1.55
C THR B 143 -13.38 8.26 -1.80
N TYR B 144 -12.18 7.74 -1.52
CA TYR B 144 -10.95 8.45 -1.84
C TYR B 144 -10.86 8.66 -3.35
N ALA B 145 -11.09 7.61 -4.12
CA ALA B 145 -10.86 7.70 -5.56
C ALA B 145 -11.80 8.71 -6.21
N SER B 146 -13.05 8.74 -5.74
CA SER B 146 -14.09 9.64 -6.27
C SER B 146 -13.82 11.08 -5.88
N VAL B 147 -13.46 11.28 -4.60
CA VAL B 147 -13.11 12.62 -4.11
C VAL B 147 -11.94 13.19 -4.89
N CYS B 148 -10.88 12.39 -5.06
CA CYS B 148 -9.71 12.88 -5.81
C CYS B 148 -10.04 13.16 -7.27
N SER B 149 -10.86 12.31 -7.90
CA SER B 149 -11.25 12.50 -9.30
C SER B 149 -12.12 13.74 -9.46
N LEU B 150 -12.96 14.01 -8.46
CA LEU B 150 -13.72 15.27 -8.44
C LEU B 150 -12.81 16.49 -8.29
N ALA B 151 -11.72 16.36 -7.54
CA ALA B 151 -10.71 17.43 -7.47
C ALA B 151 -10.06 17.67 -8.84
N ILE B 152 -9.88 16.58 -9.59
CA ILE B 152 -9.20 16.65 -10.88
C ILE B 152 -10.13 17.17 -12.00
N ALA B 153 -11.38 16.70 -12.03
CA ALA B 153 -12.28 16.95 -13.16
C ALA B 153 -13.39 17.94 -12.86
N GLY B 154 -13.58 18.27 -11.58
CA GLY B 154 -14.71 19.10 -11.17
C GLY B 154 -14.36 20.58 -11.05
N ASN B 155 -15.30 21.35 -10.53
CA ASN B 155 -15.15 22.80 -10.41
C ASN B 155 -16.22 23.33 -9.46
N ASP B 156 -16.21 24.63 -9.18
CA ASP B 156 -17.13 25.24 -8.20
C ASP B 156 -18.51 25.64 -8.74
N SER B 157 -18.79 25.39 -10.02
CA SER B 157 -20.08 25.76 -10.60
C SER B 157 -21.21 24.83 -10.13
N SER B 158 -22.44 25.12 -10.55
CA SER B 158 -23.58 24.29 -10.16
C SER B 158 -23.52 22.86 -10.72
N THR B 159 -22.81 22.68 -11.83
CA THR B 159 -22.62 21.35 -12.40
C THR B 159 -21.23 20.75 -12.13
N GLY B 160 -20.46 21.38 -11.23
CA GLY B 160 -19.05 21.01 -11.02
C GLY B 160 -18.78 19.91 -10.00
N GLY B 161 -19.82 19.47 -9.29
CA GLY B 161 -19.66 18.37 -8.34
C GLY B 161 -19.16 18.77 -6.96
N TRP B 162 -18.36 19.81 -6.85
CA TRP B 162 -17.82 20.22 -5.55
C TRP B 162 -18.95 20.64 -4.60
N LYS B 163 -19.96 21.29 -5.15
CA LYS B 163 -21.14 21.71 -4.39
C LYS B 163 -21.88 20.51 -3.75
N ASP B 164 -22.03 19.43 -4.51
CA ASP B 164 -22.64 18.19 -4.04
C ASP B 164 -21.82 17.53 -2.93
N LEU B 165 -20.50 17.56 -3.10
CA LEU B 165 -19.60 17.04 -2.07
C LEU B 165 -19.75 17.81 -0.78
N ALA B 166 -19.79 19.15 -0.89
CA ALA B 166 -19.98 20.00 0.29
C ALA B 166 -21.29 19.65 1.01
N ALA B 167 -22.37 19.47 0.27
CA ALA B 167 -23.67 19.14 0.86
C ALA B 167 -23.65 17.75 1.50
N ALA B 168 -22.73 16.89 1.03
CA ALA B 168 -22.58 15.53 1.51
C ALA B 168 -21.67 15.38 2.74
N ARG B 169 -21.08 16.47 3.22
CA ARG B 169 -20.09 16.41 4.32
C ARG B 169 -20.58 15.68 5.57
N GLN B 170 -21.77 16.02 6.04
CA GLN B 170 -22.32 15.41 7.25
C GLN B 170 -22.56 13.90 7.07
N SER B 171 -23.14 13.51 5.93
CA SER B 171 -23.42 12.09 5.65
C SER B 171 -22.10 11.28 5.49
N ILE B 172 -21.13 11.84 4.77
CA ILE B 172 -19.80 11.19 4.62
C ILE B 172 -19.15 11.00 5.99
N TYR B 173 -19.20 12.03 6.82
CA TYR B 173 -18.73 11.96 8.19
C TYR B 173 -19.39 10.82 8.98
N GLU B 174 -20.71 10.72 8.87
CA GLU B 174 -21.48 9.70 9.59
C GLU B 174 -21.13 8.31 9.08
N PHE B 175 -20.88 8.19 7.78
CA PHE B 175 -20.35 6.94 7.19
C PHE B 175 -18.99 6.59 7.80
N PHE B 176 -18.08 7.56 7.85
CA PHE B 176 -16.75 7.32 8.46
C PHE B 176 -16.89 6.86 9.91
N MET B 177 -17.80 7.46 10.68
CA MET B 177 -18.02 7.06 12.08
C MET B 177 -18.63 5.67 12.22
N ARG B 178 -19.51 5.28 11.29
CA ARG B 178 -20.02 3.90 11.24
C ARG B 178 -18.89 2.88 10.99
N CYS B 179 -17.88 3.30 10.22
CA CYS B 179 -16.75 2.43 9.92
C CYS B 179 -15.77 2.30 11.10
N LYS B 180 -15.89 3.18 12.08
CA LYS B 180 -14.87 3.28 13.13
C LYS B 180 -14.93 2.14 14.14
N ARG B 181 -13.77 1.57 14.45
CA ARG B 181 -13.69 0.54 15.50
C ARG B 181 -13.04 1.15 16.73
N PRO B 182 -13.34 0.60 17.94
CA PRO B 182 -12.81 1.18 19.19
C PRO B 182 -11.28 1.19 19.28
N ASP B 183 -10.61 0.25 18.63
CA ASP B 183 -9.13 0.18 18.70
C ASP B 183 -8.43 1.20 17.77
N GLY B 184 -9.20 1.94 16.98
CA GLY B 184 -8.61 2.96 16.08
C GLY B 184 -8.57 2.55 14.61
N GLY B 185 -8.89 1.29 14.32
CA GLY B 185 -9.00 0.87 12.94
C GLY B 185 -10.35 1.27 12.36
N PHE B 186 -10.49 1.11 11.04
CA PHE B 186 -11.78 1.31 10.35
C PHE B 186 -12.04 0.11 9.46
N VAL B 187 -13.29 -0.34 9.37
CA VAL B 187 -13.67 -1.30 8.32
C VAL B 187 -13.79 -0.49 7.01
N VAL B 188 -13.50 -1.11 5.87
CA VAL B 188 -13.56 -0.37 4.61
C VAL B 188 -15.01 -0.13 4.16
N CYS B 189 -15.92 -0.96 4.67
CA CYS B 189 -17.36 -0.90 4.33
C CYS B 189 -18.13 -1.72 5.36
N GLU B 190 -19.45 -1.65 5.35
CA GLU B 190 -20.24 -2.50 6.22
C GLU B 190 -19.82 -3.97 6.07
N GLY B 191 -19.48 -4.61 7.19
CA GLY B 191 -19.01 -6.01 7.21
C GLY B 191 -17.62 -6.25 6.63
N GLY B 192 -16.89 -5.18 6.30
CA GLY B 192 -15.63 -5.30 5.54
C GLY B 192 -14.36 -5.41 6.36
N GLU B 193 -13.24 -5.54 5.67
CA GLU B 193 -11.94 -5.75 6.34
C GLU B 193 -11.42 -4.48 7.00
N VAL B 194 -10.62 -4.67 8.04
CA VAL B 194 -9.97 -3.58 8.70
C VAL B 194 -8.55 -3.45 8.17
N ASP B 195 -8.25 -2.35 7.50
CA ASP B 195 -6.86 -2.08 7.19
C ASP B 195 -6.47 -0.65 6.92
N VAL B 196 -5.16 -0.46 6.89
CA VAL B 196 -4.58 0.84 6.90
C VAL B 196 -4.84 1.58 5.56
N ARG B 197 -5.19 0.84 4.50
CA ARG B 197 -5.61 1.50 3.26
C ARG B 197 -6.88 2.29 3.53
N GLY B 198 -7.81 1.71 4.29
CA GLY B 198 -9.04 2.39 4.70
C GLY B 198 -8.73 3.63 5.51
N THR B 199 -7.85 3.48 6.50
CA THR B 199 -7.40 4.63 7.31
C THR B 199 -6.87 5.75 6.43
N TYR B 200 -6.02 5.39 5.47
CA TYR B 200 -5.41 6.39 4.59
C TYR B 200 -6.45 7.14 3.77
N CYS B 201 -7.34 6.39 3.12
CA CYS B 201 -8.34 6.95 2.24
C CYS B 201 -9.29 7.85 3.02
N LEU B 202 -9.65 7.42 4.22
CA LEU B 202 -10.56 8.19 5.07
C LEU B 202 -9.90 9.49 5.52
N LEU B 203 -8.64 9.41 5.97
CA LEU B 203 -7.91 10.61 6.44
C LEU B 203 -7.67 11.65 5.35
N VAL B 204 -7.36 11.20 4.14
CA VAL B 204 -7.25 12.12 3.00
C VAL B 204 -8.58 12.86 2.81
N VAL B 205 -9.68 12.12 2.71
CA VAL B 205 -10.99 12.73 2.48
C VAL B 205 -11.40 13.65 3.65
N ALA B 206 -11.16 13.22 4.88
CA ALA B 206 -11.56 14.02 6.05
C ALA B 206 -10.79 15.35 6.09
N THR B 207 -9.51 15.28 5.74
CA THR B 207 -8.64 16.47 5.62
C THR B 207 -9.15 17.43 4.54
N LEU B 208 -9.41 16.89 3.35
CA LEU B 208 -9.83 17.71 2.21
C LEU B 208 -11.18 18.40 2.42
N LEU B 209 -12.12 17.69 3.07
CA LEU B 209 -13.51 18.19 3.20
C LEU B 209 -13.84 18.92 4.51
N ASP B 210 -12.82 19.10 5.37
CA ASP B 210 -13.00 19.76 6.69
C ASP B 210 -14.02 19.01 7.56
N ILE B 211 -13.80 17.71 7.75
CA ILE B 211 -14.70 16.90 8.59
C ILE B 211 -13.95 16.07 9.63
N ILE B 212 -12.81 16.61 10.09
CA ILE B 212 -12.04 15.98 11.14
C ILE B 212 -12.56 16.40 12.51
N THR B 213 -12.74 15.42 13.38
CA THR B 213 -13.12 15.65 14.79
C THR B 213 -12.27 14.78 15.71
N PRO B 214 -12.16 15.16 17.01
CA PRO B 214 -11.51 14.30 17.98
C PRO B 214 -12.07 12.87 18.03
N GLU B 215 -13.40 12.70 17.98
CA GLU B 215 -13.98 11.35 18.11
C GLU B 215 -13.64 10.48 16.88
N LEU B 216 -13.52 11.11 15.71
CA LEU B 216 -13.16 10.38 14.48
C LEU B 216 -11.74 9.82 14.60
N LEU B 217 -10.86 10.57 15.26
CA LEU B 217 -9.44 10.24 15.33
C LEU B 217 -8.97 9.43 16.54
N HIS B 218 -9.85 9.18 17.53
CA HIS B 218 -9.41 8.50 18.74
C HIS B 218 -8.82 7.12 18.42
N ASN B 219 -7.61 6.87 18.94
CA ASN B 219 -6.87 5.60 18.74
C ASN B 219 -6.34 5.35 17.33
N VAL B 220 -6.69 6.23 16.38
CA VAL B 220 -6.32 6.00 14.99
C VAL B 220 -4.80 6.00 14.84
N ASP B 221 -4.12 6.91 15.54
CA ASP B 221 -2.65 6.92 15.60
C ASP B 221 -2.04 5.64 16.17
N LYS B 222 -2.68 5.07 17.20
CA LYS B 222 -2.22 3.84 17.84
C LYS B 222 -2.33 2.63 16.93
N PHE B 223 -3.44 2.54 16.20
CA PHE B 223 -3.62 1.47 15.23
C PHE B 223 -2.50 1.53 14.18
N VAL B 224 -2.29 2.71 13.61
CA VAL B 224 -1.27 2.91 12.56
C VAL B 224 0.14 2.61 13.06
N SER B 225 0.47 3.14 14.22
CA SER B 225 1.81 2.98 14.78
C SER B 225 2.15 1.50 15.04
N ALA B 226 1.16 0.72 15.51
CA ALA B 226 1.35 -0.71 15.73
C ALA B 226 1.41 -1.55 14.44
N CYS B 227 1.10 -0.95 13.30
CA CYS B 227 1.34 -1.62 12.02
C CYS B 227 2.83 -1.76 11.65
N GLN B 228 3.69 -0.98 12.29
CA GLN B 228 5.11 -0.99 11.93
C GLN B 228 5.75 -2.31 12.33
N THR B 229 6.50 -2.93 11.41
CA THR B 229 7.10 -4.24 11.65
C THR B 229 8.57 -4.10 12.04
N TYR B 230 9.18 -5.20 12.47
CA TYR B 230 10.61 -5.21 12.81
C TYR B 230 11.50 -4.80 11.62
N GLU B 231 10.99 -4.95 10.40
CA GLU B 231 11.73 -4.49 9.23
C GLU B 231 11.72 -2.97 9.02
N GLY B 232 10.80 -2.26 9.66
CA GLY B 232 10.75 -0.79 9.54
C GLY B 232 9.61 -0.28 8.66
N GLY B 233 9.16 -1.10 7.72
CA GLY B 233 7.95 -0.79 6.96
C GLY B 233 6.70 -1.13 7.78
N PHE B 234 5.53 -1.05 7.15
CA PHE B 234 4.26 -1.29 7.85
C PHE B 234 3.43 -2.37 7.15
N ALA B 235 2.75 -3.14 7.99
CA ALA B 235 1.81 -4.16 7.54
C ALA B 235 0.41 -3.57 7.33
N CYS B 236 -0.50 -4.39 6.78
CA CYS B 236 -1.88 -3.94 6.55
C CYS B 236 -2.65 -3.56 7.82
N ALA B 237 -2.35 -4.19 8.95
CA ALA B 237 -3.15 -3.99 10.16
C ALA B 237 -2.39 -4.40 11.41
N SER B 238 -2.90 -3.93 12.56
CA SER B 238 -2.44 -4.39 13.86
C SER B 238 -3.64 -5.03 14.59
N PHE B 239 -3.34 -6.00 15.46
CA PHE B 239 -4.36 -6.72 16.22
C PHE B 239 -4.33 -6.26 17.66
N PRO B 240 -5.49 -5.85 18.21
CA PRO B 240 -5.58 -5.41 19.60
C PRO B 240 -5.96 -6.57 20.54
N PHE B 241 -5.05 -6.89 21.44
CA PHE B 241 -5.31 -7.91 22.46
C PHE B 241 -6.02 -7.21 23.64
N PRO B 242 -7.10 -7.80 24.17
CA PRO B 242 -7.87 -7.15 25.26
C PRO B 242 -7.23 -7.29 26.64
N GLU B 255 -7.69 1.09 24.50
CA GLU B 255 -8.23 -0.01 25.30
C GLU B 255 -7.32 -1.27 25.44
N PRO B 256 -6.65 -1.69 24.34
CA PRO B 256 -5.95 -2.98 24.31
C PRO B 256 -4.72 -3.08 25.23
N SER B 257 -4.44 -4.29 25.74
CA SER B 257 -3.23 -4.55 26.53
C SER B 257 -1.94 -4.56 25.66
N CYS B 258 -2.07 -4.88 24.39
CA CYS B 258 -0.97 -4.70 23.42
C CYS B 258 -1.48 -4.84 21.98
N ARG B 259 -0.77 -4.22 21.04
CA ARG B 259 -1.13 -4.28 19.63
C ARG B 259 0.05 -4.88 18.85
N VAL B 260 -0.28 -5.73 17.90
CA VAL B 260 0.72 -6.51 17.18
C VAL B 260 0.45 -6.45 15.68
N SER B 261 1.50 -6.18 14.89
CA SER B 261 1.38 -6.14 13.43
C SER B 261 1.01 -7.52 12.85
N MET B 262 0.19 -7.54 11.80
CA MET B 262 -0.42 -8.81 11.40
CA MET B 262 -0.46 -8.79 11.37
C MET B 262 0.15 -9.42 10.12
N ALA B 263 1.19 -8.81 9.56
CA ALA B 263 1.84 -9.34 8.35
C ALA B 263 3.13 -8.58 8.06
N GLU B 264 3.69 -8.81 6.87
CA GLU B 264 4.96 -8.19 6.46
C GLU B 264 4.85 -6.71 6.17
N ALA B 265 5.97 -6.03 6.34
CA ALA B 265 6.13 -4.69 5.77
C ALA B 265 5.95 -4.81 4.27
N HIS B 266 5.08 -3.96 3.73
CA HIS B 266 4.75 -3.96 2.29
C HIS B 266 4.68 -2.50 1.80
N GLY B 267 5.16 -2.26 0.58
CA GLY B 267 5.13 -0.92 -0.03
C GLY B 267 3.78 -0.21 0.01
N GLY B 268 2.72 -0.92 -0.34
CA GLY B 268 1.37 -0.34 -0.38
C GLY B 268 0.92 0.09 1.01
N TYR B 269 1.09 -0.79 1.99
CA TYR B 269 0.68 -0.49 3.36
C TYR B 269 1.61 0.48 4.08
N THR B 270 2.88 0.51 3.66
CA THR B 270 3.86 1.45 4.23
C THR B 270 3.52 2.87 3.75
N SER B 271 3.19 3.00 2.47
CA SER B 271 2.73 4.27 1.89
C SER B 271 1.51 4.77 2.66
N CYS B 272 0.52 3.89 2.82
CA CYS B 272 -0.70 4.27 3.51
C CYS B 272 -0.46 4.66 4.98
N SER B 273 0.44 3.95 5.66
CA SER B 273 0.72 4.21 7.07
C SER B 273 1.52 5.49 7.26
N LEU B 274 2.57 5.67 6.46
CA LEU B 274 3.34 6.94 6.48
C LEU B 274 2.48 8.15 6.19
N ASN B 275 1.63 8.05 5.17
CA ASN B 275 0.77 9.15 4.79
C ASN B 275 -0.28 9.43 5.85
N SER B 276 -0.86 8.37 6.41
CA SER B 276 -1.86 8.50 7.48
C SER B 276 -1.21 9.18 8.67
N HIS B 277 -0.05 8.66 9.09
CA HIS B 277 0.65 9.26 10.21
C HIS B 277 0.98 10.73 9.93
N PHE B 278 1.46 11.03 8.72
CA PHE B 278 1.76 12.42 8.35
C PHE B 278 0.53 13.32 8.49
N LEU B 279 -0.59 12.89 7.93
CA LEU B 279 -1.86 13.65 8.07
C LEU B 279 -2.23 13.92 9.53
N LEU B 280 -1.99 12.94 10.40
CA LEU B 280 -2.28 13.10 11.85
C LEU B 280 -1.37 14.09 12.58
N THR B 281 -0.13 14.27 12.09
CA THR B 281 0.79 15.22 12.75
C THR B 281 0.28 16.67 12.69
N SER B 282 -0.61 16.97 11.74
CA SER B 282 -1.27 18.30 11.64
C SER B 282 -2.30 18.58 12.73
N VAL B 283 -2.79 17.53 13.38
CA VAL B 283 -3.97 17.65 14.23
C VAL B 283 -3.56 18.00 15.67
N PRO B 284 -4.06 19.14 16.21
CA PRO B 284 -3.66 19.58 17.55
C PRO B 284 -4.42 18.88 18.68
N LEU B 285 -4.19 17.58 18.83
CA LEU B 285 -4.66 16.85 20.00
C LEU B 285 -3.47 16.65 20.95
N PRO B 286 -3.71 16.54 22.28
CA PRO B 286 -2.55 16.35 23.17
C PRO B 286 -1.92 14.96 23.05
N SER B 287 -0.59 14.89 23.11
CA SER B 287 0.17 13.64 22.96
C SER B 287 -0.29 12.82 21.75
N PHE B 288 -0.49 13.50 20.62
CA PHE B 288 -1.05 12.88 19.43
C PHE B 288 -0.37 13.49 18.20
N PRO B 289 -0.01 12.67 17.19
CA PRO B 289 -0.16 11.20 17.14
C PRO B 289 0.98 10.44 17.83
N LEU B 290 0.68 9.26 18.36
CA LEU B 290 1.72 8.35 18.86
C LEU B 290 2.82 8.19 17.80
N SER B 291 4.07 8.25 18.24
CA SER B 291 5.18 8.24 17.31
C SER B 291 5.30 6.92 16.53
N ILE B 292 5.94 7.01 15.37
CA ILE B 292 6.44 5.83 14.66
C ILE B 292 7.96 5.91 14.69
N ASP B 293 8.62 4.84 14.26
CA ASP B 293 10.08 4.83 14.14
C ASP B 293 10.43 5.29 12.73
N ALA B 294 10.68 6.59 12.58
CA ALA B 294 10.88 7.18 11.25
C ALA B 294 12.18 6.73 10.61
N ASN B 295 13.25 6.64 11.41
CA ASN B 295 14.55 6.16 10.90
C ASN B 295 14.42 4.77 10.28
N ALA B 296 13.75 3.84 10.98
CA ALA B 296 13.52 2.49 10.46
C ALA B 296 12.67 2.45 9.18
N ALA B 297 11.63 3.30 9.11
CA ALA B 297 10.79 3.38 7.91
C ALA B 297 11.59 3.93 6.73
N LEU B 298 12.44 4.92 6.97
CA LEU B 298 13.31 5.44 5.92
C LEU B 298 14.29 4.38 5.43
N ARG B 299 14.91 3.67 6.38
CA ARG B 299 15.82 2.56 6.05
C ARG B 299 15.11 1.51 5.19
N TRP B 300 13.94 1.06 5.63
CA TRP B 300 13.19 0.05 4.88
C TRP B 300 12.89 0.55 3.45
N THR B 301 12.46 1.81 3.35
CA THR B 301 12.16 2.43 2.04
C THR B 301 13.32 2.34 1.05
N VAL B 302 14.51 2.80 1.47
CA VAL B 302 15.63 2.89 0.54
C VAL B 302 16.14 1.50 0.21
N LEU B 303 16.00 0.57 1.16
CA LEU B 303 16.43 -0.81 0.93
C LEU B 303 15.60 -1.55 -0.14
N GLN B 304 14.39 -1.06 -0.43
CA GLN B 304 13.56 -1.66 -1.47
C GLN B 304 13.93 -1.25 -2.90
N GLN B 305 14.88 -0.34 -3.07
CA GLN B 305 15.28 0.01 -4.44
C GLN B 305 16.18 -1.08 -5.00
N GLY B 306 15.78 -1.62 -6.15
CA GLY B 306 16.49 -2.73 -6.75
C GLY B 306 17.87 -2.36 -7.26
N GLU B 307 18.71 -3.38 -7.44
CA GLU B 307 20.07 -3.26 -7.97
C GLU B 307 20.06 -2.88 -9.46
N PRO B 308 21.21 -2.43 -10.01
CA PRO B 308 21.35 -2.10 -11.43
C PRO B 308 20.82 -3.18 -12.39
N ILE B 309 21.12 -4.45 -12.13
CA ILE B 309 20.65 -5.55 -12.98
C ILE B 309 19.11 -5.64 -13.08
N GLU B 310 18.40 -5.17 -12.06
CA GLU B 310 16.95 -5.17 -12.10
C GLU B 310 16.42 -3.75 -12.35
N GLY B 311 17.31 -2.88 -12.85
CA GLY B 311 16.91 -1.59 -13.39
C GLY B 311 16.67 -0.46 -12.40
N GLY B 312 16.95 -0.71 -11.12
CA GLY B 312 16.72 0.31 -10.10
C GLY B 312 15.25 0.62 -9.81
N GLY B 313 14.35 -0.29 -10.20
CA GLY B 313 12.94 -0.19 -9.80
C GLY B 313 12.80 -0.60 -8.33
N PHE B 314 11.67 -0.28 -7.72
CA PHE B 314 11.41 -0.67 -6.34
C PHE B 314 10.67 -2.01 -6.27
N ARG B 315 11.04 -2.82 -5.29
CA ARG B 315 10.20 -3.96 -4.91
C ARG B 315 9.26 -3.54 -3.78
N GLY B 316 8.21 -4.34 -3.55
CA GLY B 316 7.19 -4.04 -2.54
C GLY B 316 7.46 -4.70 -1.19
N ARG B 317 8.27 -5.76 -1.19
CA ARG B 317 8.71 -6.38 0.06
C ARG B 317 10.00 -7.15 -0.13
N THR B 318 10.71 -7.36 0.98
CA THR B 318 11.98 -8.06 0.99
C THR B 318 11.89 -9.40 0.27
N ASN B 319 12.87 -9.66 -0.60
CA ASN B 319 13.01 -10.94 -1.34
C ASN B 319 11.85 -11.23 -2.30
N LYS B 320 11.12 -10.20 -2.72
CA LYS B 320 10.21 -10.33 -3.87
C LYS B 320 10.73 -9.48 -5.04
N LEU B 321 9.96 -9.41 -6.12
CA LEU B 321 10.45 -8.82 -7.37
C LEU B 321 10.11 -7.34 -7.49
N VAL B 322 10.96 -6.59 -8.20
CA VAL B 322 10.71 -5.20 -8.52
C VAL B 322 9.45 -5.10 -9.38
N ASP B 323 8.79 -3.95 -9.30
CA ASP B 323 7.50 -3.76 -9.95
C ASP B 323 7.25 -2.27 -10.05
N GLY B 324 6.95 -1.80 -11.26
CA GLY B 324 6.67 -0.38 -11.51
C GLY B 324 5.69 0.34 -10.58
N CYS B 325 4.64 -0.33 -10.09
CA CYS B 325 3.70 0.40 -9.21
C CYS B 325 4.36 0.85 -7.91
N TYR B 326 5.37 0.10 -7.45
CA TYR B 326 6.09 0.51 -6.22
C TYR B 326 6.90 1.81 -6.36
N SER B 327 7.06 2.29 -7.59
CA SER B 327 7.62 3.64 -7.78
C SER B 327 6.78 4.68 -7.02
N TRP B 328 5.46 4.54 -7.09
CA TRP B 328 4.61 5.41 -6.28
C TRP B 328 4.58 4.97 -4.79
N TRP B 329 4.25 3.70 -4.53
CA TRP B 329 3.96 3.28 -3.14
C TRP B 329 5.20 3.44 -2.26
N VAL B 330 6.34 3.01 -2.78
CA VAL B 330 7.58 3.12 -2.00
C VAL B 330 8.30 4.44 -2.29
N GLY B 331 8.56 4.76 -3.56
CA GLY B 331 9.27 6.02 -3.89
C GLY B 331 8.53 7.26 -3.37
N GLY B 332 7.20 7.25 -3.51
CA GLY B 332 6.36 8.34 -3.01
C GLY B 332 6.24 8.45 -1.50
N GLY B 333 6.61 7.39 -0.79
CA GLY B 333 6.68 7.47 0.67
C GLY B 333 8.00 8.05 1.16
N ALA B 334 9.00 8.08 0.28
CA ALA B 334 10.34 8.60 0.65
C ALA B 334 10.35 10.05 1.17
N PRO B 335 9.65 10.99 0.49
CA PRO B 335 9.63 12.38 1.00
C PRO B 335 8.94 12.49 2.36
N VAL B 336 7.94 11.65 2.59
CA VAL B 336 7.23 11.62 3.85
C VAL B 336 8.14 11.10 4.96
N ALA B 337 8.80 9.96 4.71
CA ALA B 337 9.72 9.36 5.70
C ALA B 337 10.86 10.32 6.00
N GLU B 338 11.38 10.95 4.94
CA GLU B 338 12.46 11.93 5.07
C GLU B 338 12.06 13.13 5.95
N GLU B 339 10.86 13.66 5.75
CA GLU B 339 10.37 14.77 6.56
C GLU B 339 10.21 14.38 8.04
N LEU B 340 9.68 13.19 8.30
CA LEU B 340 9.51 12.70 9.68
C LEU B 340 10.87 12.53 10.34
N VAL B 341 11.84 12.01 9.60
CA VAL B 341 13.21 11.89 10.11
C VAL B 341 13.78 13.29 10.41
N ARG B 342 13.58 14.22 9.49
CA ARG B 342 14.05 15.60 9.67
C ARG B 342 13.52 16.18 10.98
N ARG B 343 12.22 16.05 11.21
CA ARG B 343 11.57 16.57 12.42
C ARG B 343 12.12 15.94 13.70
N GLU B 344 12.38 14.64 13.65
CA GLU B 344 12.89 13.91 14.81
C GLU B 344 14.29 14.42 15.18
N LYS B 345 15.13 14.59 14.17
CA LYS B 345 16.47 15.16 14.36
C LYS B 345 16.42 16.58 14.94
N SER B 346 15.52 17.43 14.43
CA SER B 346 15.33 18.79 14.96
C SER B 346 14.89 18.82 16.42
N ARG B 347 14.10 17.82 16.82
CA ARG B 347 13.58 17.73 18.18
C ARG B 347 14.64 17.28 19.21
N LYS B 348 15.76 16.77 18.71
CA LYS B 348 16.95 16.52 19.55
C LYS B 348 17.92 17.71 19.45
N VAL B 349 18.24 18.11 18.21
CA VAL B 349 19.10 19.27 17.96
C VAL B 349 18.30 20.56 18.16
N ILE B 371 21.84 18.88 0.72
CA ILE B 371 21.52 17.52 1.14
C ILE B 371 21.25 16.59 -0.06
N PRO B 372 21.94 15.43 -0.11
CA PRO B 372 21.80 14.50 -1.24
C PRO B 372 20.44 13.81 -1.25
N PRO B 373 19.98 13.35 -2.43
CA PRO B 373 18.74 12.60 -2.55
C PRO B 373 18.79 11.34 -1.71
N ILE B 374 17.64 10.90 -1.22
CA ILE B 374 17.60 9.77 -0.33
C ILE B 374 17.45 8.41 -1.03
N PHE B 375 16.95 8.44 -2.25
CA PHE B 375 16.94 7.27 -3.12
C PHE B 375 17.51 7.67 -4.47
N ASN B 376 17.80 6.69 -5.30
CA ASN B 376 18.38 6.97 -6.59
C ASN B 376 17.30 7.44 -7.55
N ARG B 377 17.11 8.76 -7.59
CA ARG B 377 16.12 9.42 -8.43
C ARG B 377 16.37 9.20 -9.94
N VAL B 378 17.62 9.06 -10.34
CA VAL B 378 17.95 8.80 -11.75
C VAL B 378 17.57 7.36 -12.13
N ALA B 379 17.98 6.39 -11.31
CA ALA B 379 17.74 4.97 -11.65
C ALA B 379 16.25 4.67 -11.70
N LEU B 380 15.47 5.27 -10.81
CA LEU B 380 14.01 5.03 -10.83
C LEU B 380 13.38 5.51 -12.14
N GLN B 381 13.85 6.65 -12.65
CA GLN B 381 13.38 7.16 -13.93
C GLN B 381 13.76 6.24 -15.09
N GLU B 382 14.99 5.70 -15.04
CA GLU B 382 15.45 4.75 -16.04
C GLU B 382 14.61 3.49 -16.02
N PHE B 383 14.24 3.00 -14.83
CA PHE B 383 13.36 1.82 -14.79
C PHE B 383 12.02 2.14 -15.48
N THR B 384 11.48 3.31 -15.19
CA THR B 384 10.19 3.72 -15.78
C THR B 384 10.26 3.81 -17.31
N LEU B 385 11.26 4.53 -17.82
CA LEU B 385 11.42 4.76 -19.26
C LEU B 385 11.78 3.49 -20.02
N VAL B 386 12.68 2.70 -19.46
CA VAL B 386 13.24 1.55 -20.18
C VAL B 386 12.40 0.30 -19.98
N ALA B 387 12.03 0.01 -18.73
CA ALA B 387 11.37 -1.26 -18.41
C ALA B 387 9.85 -1.18 -18.25
N ALA B 388 9.34 -0.08 -17.69
CA ALA B 388 7.91 0.00 -17.34
C ALA B 388 6.98 0.41 -18.48
N GLN B 389 7.51 1.02 -19.54
CA GLN B 389 6.69 1.37 -20.68
C GLN B 389 6.41 0.13 -21.52
N GLN B 390 5.18 0.03 -22.00
CA GLN B 390 4.84 -0.93 -23.05
C GLN B 390 5.79 -0.76 -24.24
N ASP B 391 6.18 -1.87 -24.90
CA ASP B 391 7.02 -1.78 -26.09
C ASP B 391 6.38 -0.79 -27.08
N PRO B 392 7.21 -0.04 -27.82
CA PRO B 392 6.69 0.99 -28.71
C PRO B 392 5.82 0.43 -29.84
N GLY B 393 4.92 1.27 -30.36
CA GLY B 393 4.14 0.93 -31.56
C GLY B 393 3.03 -0.08 -31.33
N SER B 394 2.60 -0.18 -30.08
CA SER B 394 1.61 -1.17 -29.66
C SER B 394 0.47 -0.43 -28.91
N THR B 395 -0.01 -1.00 -27.79
CA THR B 395 -1.14 -0.44 -27.04
C THR B 395 -0.84 0.83 -26.20
N GLY B 396 0.43 1.07 -25.89
CA GLY B 396 0.75 2.07 -24.87
C GLY B 396 0.41 1.60 -23.47
N GLY B 397 0.58 2.48 -22.48
CA GLY B 397 0.35 2.13 -21.10
C GLY B 397 1.66 1.71 -20.47
N LEU B 398 1.69 1.70 -19.14
CA LEU B 398 2.85 1.23 -18.39
C LEU B 398 2.47 0.02 -17.53
N ARG B 399 3.47 -0.71 -17.08
CA ARG B 399 3.27 -2.07 -16.60
C ARG B 399 4.11 -2.36 -15.36
N ASP B 400 3.79 -3.46 -14.71
CA ASP B 400 4.56 -3.99 -13.58
C ASP B 400 6.03 -4.23 -13.98
N LYS B 401 6.24 -5.09 -14.95
CA LYS B 401 7.57 -5.35 -15.47
C LYS B 401 7.46 -5.92 -16.92
N PRO B 402 8.60 -6.03 -17.64
CA PRO B 402 8.55 -6.70 -18.94
C PRO B 402 7.92 -8.10 -18.79
N GLY B 403 7.16 -8.52 -19.79
CA GLY B 403 6.39 -9.77 -19.69
C GLY B 403 4.96 -9.61 -19.20
N LYS B 404 4.61 -8.45 -18.62
CA LYS B 404 3.26 -8.23 -18.09
C LYS B 404 2.50 -7.22 -18.93
N ARG B 405 1.21 -7.46 -19.13
CA ARG B 405 0.33 -6.51 -19.85
C ARG B 405 0.24 -5.20 -19.06
N PRO B 406 0.32 -4.05 -19.74
CA PRO B 406 0.05 -2.80 -19.02
C PRO B 406 -1.43 -2.72 -18.59
N ASP B 407 -1.71 -1.88 -17.61
CA ASP B 407 -3.08 -1.68 -17.16
C ASP B 407 -3.19 -0.27 -16.55
N GLN B 408 -4.41 0.18 -16.23
CA GLN B 408 -4.61 1.55 -15.77
C GLN B 408 -3.91 1.79 -14.41
N TYR B 409 -4.01 0.82 -13.52
CA TYR B 409 -3.42 0.90 -12.19
C TYR B 409 -1.88 1.09 -12.26
N HIS B 410 -1.22 0.26 -13.06
CA HIS B 410 0.24 0.40 -13.23
C HIS B 410 0.62 1.65 -14.04
N THR B 411 -0.26 2.11 -14.93
CA THR B 411 0.00 3.35 -15.66
C THR B 411 0.05 4.51 -14.68
N CYS B 412 -0.98 4.63 -13.85
CA CYS B 412 -1.10 5.70 -12.87
C CYS B 412 0.04 5.70 -11.86
N ASN B 413 0.34 4.52 -11.33
CA ASN B 413 1.35 4.42 -10.28
C ASN B 413 2.80 4.54 -10.76
N ASN B 414 3.11 3.98 -11.94
CA ASN B 414 4.41 4.26 -12.56
C ASN B 414 4.61 5.75 -12.77
N LEU B 415 3.61 6.42 -13.34
CA LEU B 415 3.72 7.85 -13.62
C LEU B 415 3.78 8.70 -12.33
N SER B 416 2.98 8.32 -11.33
CA SER B 416 3.03 9.03 -10.05
C SER B 416 4.43 8.94 -9.41
N GLY B 417 5.03 7.74 -9.44
CA GLY B 417 6.39 7.53 -8.95
C GLY B 417 7.45 8.25 -9.80
N LEU B 418 7.25 8.27 -11.13
CA LEU B 418 8.14 9.02 -12.02
C LEU B 418 8.16 10.49 -11.62
N SER B 419 6.98 11.04 -11.35
CA SER B 419 6.85 12.43 -10.94
C SER B 419 7.67 12.74 -9.69
N ILE B 420 7.55 11.88 -8.66
CA ILE B 420 8.31 12.00 -7.41
C ILE B 420 9.83 11.96 -7.63
N ALA B 421 10.27 11.15 -8.58
CA ALA B 421 11.70 11.04 -8.90
C ALA B 421 12.21 12.27 -9.67
N GLN B 422 11.38 12.81 -10.57
CA GLN B 422 11.78 13.97 -11.39
C GLN B 422 11.82 15.25 -10.59
N HIS B 423 10.93 15.37 -9.61
CA HIS B 423 10.72 16.63 -8.89
C HIS B 423 11.01 16.44 -7.41
N LYS B 424 11.95 17.23 -6.88
CA LYS B 424 12.30 17.15 -5.48
C LYS B 424 11.21 17.77 -4.60
N MET B 425 10.45 16.92 -3.92
CA MET B 425 9.35 17.37 -3.06
C MET B 425 9.76 17.49 -1.60
N SER B 426 9.41 18.63 -1.01
CA SER B 426 9.73 18.94 0.39
C SER B 426 8.47 19.41 1.07
N HIS B 427 8.35 19.13 2.36
CA HIS B 427 7.33 19.77 3.18
C HIS B 427 7.99 20.94 3.88
N SER B 428 7.51 22.14 3.56
CA SER B 428 8.23 23.36 3.91
C SER B 428 7.64 24.10 5.12
N PRO B 429 8.40 24.16 6.25
CA PRO B 429 7.91 24.89 7.45
C PRO B 429 7.63 26.38 7.17
N SER B 430 8.42 27.02 6.32
CA SER B 430 8.15 28.42 6.02
C SER B 430 6.90 28.57 5.12
N THR B 431 6.66 27.61 4.24
CA THR B 431 5.41 27.62 3.46
C THR B 431 4.18 27.43 4.40
N VAL B 432 4.26 26.45 5.29
CA VAL B 432 3.22 26.24 6.31
C VAL B 432 3.01 27.53 7.12
N SER B 433 4.08 28.21 7.52
CA SER B 433 3.96 29.50 8.25
C SER B 433 3.25 30.58 7.43
N SER B 434 3.59 30.72 6.15
CA SER B 434 2.88 31.62 5.24
C SER B 434 1.41 31.27 5.12
N ASN B 435 1.12 29.97 5.01
CA ASN B 435 -0.26 29.49 5.00
C ASN B 435 -1.05 29.89 6.26
N ARG B 436 -0.48 29.66 7.44
CA ARG B 436 -1.09 30.10 8.71
C ARG B 436 -1.41 31.60 8.69
N LEU B 437 -0.47 32.39 8.17
CA LEU B 437 -0.61 33.85 8.13
C LEU B 437 -1.76 34.34 7.23
N LYS B 438 -2.08 33.58 6.18
CA LYS B 438 -3.12 33.99 5.25
C LYS B 438 -4.49 33.35 5.53
N PHE B 439 -4.53 32.36 6.42
CA PHE B 439 -5.79 31.66 6.72
C PHE B 439 -6.84 32.61 7.32
N ASP B 440 -8.09 32.44 6.87
CA ASP B 440 -9.20 33.23 7.38
C ASP B 440 -10.19 32.32 8.12
N ALA B 441 -10.09 32.29 9.45
CA ALA B 441 -10.89 31.38 10.28
C ALA B 441 -12.37 31.77 10.37
N SER B 442 -12.69 33.00 9.97
CA SER B 442 -14.09 33.45 9.95
C SER B 442 -14.86 32.91 8.73
N LYS B 443 -14.15 32.28 7.79
CA LYS B 443 -14.77 31.67 6.62
C LYS B 443 -14.73 30.14 6.69
N GLY B 444 -15.86 29.50 6.43
CA GLY B 444 -15.92 28.04 6.50
C GLY B 444 -17.32 27.48 6.32
N LEU B 445 -17.38 26.17 6.05
CA LEU B 445 -18.63 25.44 5.92
C LEU B 445 -19.11 25.05 7.32
N PRO B 446 -20.41 24.68 7.47
CA PRO B 446 -20.87 24.36 8.82
C PRO B 446 -20.11 23.21 9.48
N ALA B 447 -19.83 23.37 10.78
CA ALA B 447 -19.18 22.32 11.57
C ALA B 447 -19.94 21.01 11.47
N VAL B 448 -19.23 19.88 11.43
CA VAL B 448 -19.89 18.57 11.51
C VAL B 448 -20.54 18.40 12.88
N LYS B 449 -21.71 17.76 12.92
CA LYS B 449 -22.35 17.37 14.17
C LYS B 449 -21.79 16.00 14.60
N PRO B 450 -21.09 15.94 15.77
CA PRO B 450 -20.50 14.68 16.21
C PRO B 450 -21.58 13.65 16.57
N VAL B 451 -21.22 12.37 16.44
CA VAL B 451 -22.09 11.23 16.79
C VAL B 451 -22.36 11.19 18.31
N ALA B 452 -21.31 11.31 19.11
CA ALA B 452 -21.45 11.41 20.55
C ALA B 452 -21.39 12.88 20.99
N PRO B 453 -22.24 13.28 21.97
CA PRO B 453 -22.34 14.66 22.45
C PRO B 453 -21.01 15.40 22.65
N GLY B 454 -20.03 14.76 23.29
CA GLY B 454 -18.72 15.40 23.51
C GLY B 454 -17.64 15.03 22.49
N GLY B 455 -18.05 14.56 21.32
CA GLY B 455 -17.11 14.08 20.29
C GLY B 455 -16.46 15.14 19.40
N GLY B 456 -16.94 16.38 19.48
CA GLY B 456 -16.37 17.48 18.69
C GLY B 456 -15.23 18.19 19.40
N TRP B 457 -14.75 19.28 18.81
CA TRP B 457 -13.72 20.12 19.41
C TRP B 457 -14.33 20.86 20.61
N LYS B 458 -13.50 21.16 21.61
CA LYS B 458 -13.99 21.72 22.89
C LYS B 458 -14.76 23.03 22.68
N ASN B 459 -14.29 23.84 21.74
CA ASN B 459 -14.91 25.12 21.43
C ASN B 459 -14.45 25.64 20.07
N GLU B 460 -14.86 26.86 19.74
CA GLU B 460 -14.50 27.46 18.45
C GLU B 460 -13.03 27.83 18.29
N ASP B 461 -12.37 28.31 19.35
CA ASP B 461 -10.93 28.58 19.32
C ASP B 461 -10.17 27.32 18.93
N GLU B 462 -10.50 26.19 19.57
CA GLU B 462 -9.82 24.93 19.27
C GLU B 462 -10.16 24.39 17.89
N ARG B 463 -11.43 24.52 17.49
CA ARG B 463 -11.82 24.01 16.17
C ARG B 463 -11.12 24.78 15.05
N GLN B 464 -11.14 26.11 15.16
CA GLN B 464 -10.52 27.01 14.19
C GLN B 464 -9.01 26.83 14.15
N ASN B 465 -8.39 26.64 15.33
CA ASN B 465 -6.96 26.33 15.35
C ASN B 465 -6.70 25.01 14.58
N ALA B 466 -7.55 24.02 14.82
CA ALA B 466 -7.43 22.74 14.12
C ALA B 466 -7.57 22.89 12.60
N ARG B 467 -8.60 23.63 12.17
CA ARG B 467 -8.83 23.93 10.74
C ARG B 467 -7.60 24.58 10.13
N ARG B 468 -7.09 25.60 10.81
CA ARG B 468 -5.91 26.29 10.32
C ARG B 468 -4.71 25.35 10.15
N GLU B 469 -4.37 24.57 11.18
CA GLU B 469 -3.21 23.68 11.12
C GLU B 469 -3.34 22.64 10.03
N ILE B 470 -4.55 22.08 9.92
CA ILE B 470 -4.79 20.98 9.00
C ILE B 470 -4.74 21.47 7.55
N TRP B 471 -5.41 22.60 7.29
CA TRP B 471 -5.37 23.23 5.97
C TRP B 471 -3.94 23.69 5.63
N ALA B 472 -3.29 24.37 6.58
CA ALA B 472 -1.96 24.95 6.29
C ALA B 472 -0.92 23.88 5.96
N ASN B 473 -0.95 22.76 6.69
CA ASN B 473 -0.02 21.65 6.47
C ASN B 473 -0.33 20.84 5.21
N ALA B 474 -1.61 20.70 4.90
CA ALA B 474 -2.02 20.03 3.66
C ALA B 474 -1.44 20.76 2.45
N LEU B 475 -1.28 22.07 2.58
CA LEU B 475 -0.74 22.89 1.49
C LEU B 475 0.75 23.24 1.68
N GLY B 476 1.44 22.42 2.46
CA GLY B 476 2.85 22.64 2.77
C GLY B 476 3.88 22.03 1.84
N TRP B 477 3.46 21.16 0.91
CA TRP B 477 4.40 20.51 0.00
C TRP B 477 4.81 21.43 -1.14
N ILE B 478 6.11 21.48 -1.42
CA ILE B 478 6.63 22.34 -2.48
C ILE B 478 7.63 21.56 -3.32
N GLU B 479 7.75 21.98 -4.57
CA GLU B 479 8.82 21.47 -5.41
C GLU B 479 10.01 22.38 -5.20
N GLU B 480 11.14 21.81 -4.79
CA GLU B 480 12.35 22.60 -4.57
C GLU B 480 12.95 23.16 -5.84
N GLU B 481 13.23 24.45 -5.82
CA GLU B 481 13.86 25.12 -6.94
C GLU B 481 15.25 24.56 -7.17
N GLY B 482 15.55 24.28 -8.44
CA GLY B 482 16.83 23.67 -8.80
C GLY B 482 16.95 22.19 -8.46
N GLY B 483 15.88 21.59 -7.95
CA GLY B 483 15.89 20.17 -7.57
C GLY B 483 15.43 19.23 -8.68
N GLU B 484 15.07 19.77 -9.84
CA GLU B 484 14.53 18.96 -10.93
C GLU B 484 15.63 18.08 -11.55
N ILE B 485 15.31 16.81 -11.80
CA ILE B 485 16.20 15.93 -12.57
C ILE B 485 15.31 15.24 -13.58
N ILE B 486 15.42 15.62 -14.85
CA ILE B 486 14.63 14.97 -15.90
C ILE B 486 15.52 14.08 -16.74
N VAL B 487 15.56 12.80 -16.40
CA VAL B 487 16.41 11.85 -17.11
C VAL B 487 15.93 11.78 -18.57
N GLY B 488 16.86 11.92 -19.51
CA GLY B 488 16.55 11.75 -20.94
C GLY B 488 16.16 13.04 -21.65
N GLY B 489 16.06 14.12 -20.89
CA GLY B 489 15.79 15.43 -21.46
C GLY B 489 14.37 15.90 -21.19
N LYS B 490 14.14 17.18 -21.44
CA LYS B 490 12.93 17.84 -20.93
C LYS B 490 11.62 17.35 -21.55
N ASP B 491 11.67 16.69 -22.71
CA ASP B 491 10.45 16.10 -23.28
C ASP B 491 9.92 14.95 -22.42
N ASN B 492 10.78 14.38 -21.56
CA ASN B 492 10.31 13.36 -20.61
C ASN B 492 9.60 13.91 -19.36
N ARG B 493 9.63 15.22 -19.17
CA ARG B 493 9.06 15.84 -17.96
C ARG B 493 7.55 15.65 -17.86
N ILE B 494 7.10 15.13 -16.72
CA ILE B 494 5.66 15.13 -16.42
C ILE B 494 5.37 16.14 -15.30
N ASN B 495 4.10 16.34 -14.98
CA ASN B 495 3.75 17.31 -13.93
C ASN B 495 4.03 16.79 -12.54
N THR B 496 3.98 17.71 -11.59
CA THR B 496 4.37 17.42 -10.23
C THR B 496 3.16 16.95 -9.41
N THR B 497 3.19 15.70 -8.96
CA THR B 497 2.18 15.24 -8.03
C THR B 497 2.54 15.66 -6.61
N THR B 498 1.54 15.64 -5.72
CA THR B 498 1.76 15.98 -4.31
C THR B 498 1.92 14.71 -3.49
N PRO B 499 3.01 14.60 -2.73
CA PRO B 499 3.09 13.49 -1.77
C PRO B 499 1.87 13.50 -0.85
N VAL B 500 1.59 12.34 -0.25
CA VAL B 500 0.47 12.10 0.67
C VAL B 500 -0.86 12.01 -0.09
N PHE B 501 -1.20 13.04 -0.87
CA PHE B 501 -2.47 13.07 -1.59
C PHE B 501 -2.47 12.38 -2.96
N ASN B 502 -1.36 12.50 -3.69
CA ASN B 502 -1.26 12.05 -5.07
C ASN B 502 -2.26 12.68 -6.05
N ILE B 503 -2.46 13.99 -5.94
CA ILE B 503 -3.02 14.77 -7.04
C ILE B 503 -2.09 15.96 -7.25
N LEU B 504 -2.11 16.54 -8.44
CA LEU B 504 -1.31 17.73 -8.74
C LEU B 504 -1.60 18.84 -7.75
N GLY B 505 -0.57 19.60 -7.37
CA GLY B 505 -0.78 20.75 -6.48
C GLY B 505 -1.78 21.76 -7.04
N LEU B 506 -1.81 21.88 -8.35
CA LEU B 506 -2.77 22.80 -9.02
C LEU B 506 -4.22 22.30 -8.95
N ARG B 507 -4.41 21.03 -8.65
CA ARG B 507 -5.76 20.53 -8.30
C ARG B 507 -6.02 20.66 -6.80
N LEU B 508 -5.04 20.29 -5.99
CA LEU B 508 -5.19 20.25 -4.54
C LEU B 508 -5.59 21.61 -3.95
N LYS B 509 -4.86 22.63 -4.35
CA LYS B 509 -5.06 23.95 -3.80
C LYS B 509 -6.49 24.52 -3.98
N PRO B 510 -7.00 24.66 -5.22
CA PRO B 510 -8.36 25.21 -5.34
C PRO B 510 -9.42 24.31 -4.71
N PHE B 511 -9.18 22.99 -4.71
CA PHE B 511 -10.13 22.01 -4.13
C PHE B 511 -10.25 22.16 -2.62
N ILE B 512 -9.12 22.07 -1.91
CA ILE B 512 -9.17 22.22 -0.45
C ILE B 512 -9.55 23.66 -0.05
N ASN B 513 -9.17 24.65 -0.86
CA ASN B 513 -9.62 26.04 -0.63
C ASN B 513 -11.13 26.20 -0.74
N TYR B 514 -11.74 25.44 -1.65
CA TYR B 514 -13.18 25.47 -1.79
C TYR B 514 -13.85 24.99 -0.48
N PHE B 515 -13.44 23.83 0.03
CA PHE B 515 -14.09 23.29 1.23
C PHE B 515 -13.77 24.04 2.53
N TYR B 516 -12.65 24.75 2.55
CA TYR B 516 -12.34 25.57 3.71
C TYR B 516 -12.75 27.05 3.51
N CYS B 517 -13.39 27.36 2.37
CA CYS B 517 -13.78 28.74 1.99
C CYS B 517 -12.63 29.76 2.01
N GLN B 518 -11.47 29.33 1.52
CA GLN B 518 -10.27 30.16 1.53
C GLN B 518 -9.98 30.75 0.15
N GLU B 519 -10.63 30.20 -0.87
CA GLU B 519 -10.53 30.69 -2.26
C GLU B 519 -10.01 32.12 -2.43
ZN ZN C . 2.41 -3.69 -9.36
OAA 3FX D . 17.59 20.11 -23.83
OAB 3FX D . 15.18 20.34 -23.66
OAC 3FX D . 13.81 17.79 -24.71
OAD 3FX D . 16.31 18.46 -22.58
CAE 3FX D . 12.72 13.92 -30.36
CAF 3FX D . 13.72 15.08 -30.47
CAG 3FX D . 13.05 13.03 -29.14
CAH 3FX D . 13.68 15.92 -29.17
CAI 3FX D . 12.99 13.86 -27.85
CAJ 3FX D . 15.09 16.52 -26.44
CAK 3FX D . 16.22 18.33 -25.25
NAL 3FX D . 13.85 15.79 -26.68
CAM 3FX D . 14.86 17.83 -25.72
CAN 3FX D . 13.98 15.02 -27.92
SAO 3FX D . 16.30 19.36 -23.77
OAA 3FX E . 3.85 8.52 -27.83
OAB 3FX E . 5.76 7.64 -29.07
OAC 3FX E . 5.40 7.69 -31.71
OAD 3FX E . 5.60 10.03 -28.57
CAE 3FX E . 4.98 10.20 -37.88
CAF 3FX E . 4.19 8.89 -37.69
CAG 3FX E . 4.61 11.22 -36.80
CAH 3FX E . 4.40 8.32 -36.28
CAI 3FX E . 4.88 10.65 -35.40
CAJ 3FX E . 3.52 8.75 -32.86
CAK 3FX E . 3.91 9.16 -30.46
NAL 3FX E . 4.60 8.76 -33.88
CAM 3FX E . 4.04 8.13 -31.56
CAN 3FX E . 4.13 9.33 -35.15
SAO 3FX E . 4.83 8.82 -28.91
OAA 3FX F . -30.43 6.07 1.22
OAB 3FX F . -29.20 3.97 1.49
OAC 3FX F . -30.82 2.90 -0.47
OAD 3FX F . -28.00 6.02 0.90
CAE 3FX F . -27.62 -2.61 -3.08
CAF 3FX F . -28.96 -2.03 -3.60
CAG 3FX F . -26.61 -1.49 -2.75
CAH 3FX F . -29.52 -0.89 -2.73
CAI 3FX F . -27.22 -0.42 -1.83
CAJ 3FX F . -28.71 2.55 -1.65
CAK 3FX F . -29.50 4.88 -1.08
NAL 3FX F . -29.08 1.14 -1.45
CAM 3FX F . -29.94 3.45 -1.46
CAN 3FX F . -28.50 0.20 -2.43
SAO 3FX F . -29.27 5.24 0.71
C1 FII G . -6.09 1.47 -2.21
C2 FII G . -4.64 1.35 -1.76
C6 FII G . -3.86 2.60 -1.33
C10 FII G . -4.01 0.11 -1.72
C11 FII G . -2.70 -0.13 -1.34
C12 FII G . -1.83 -0.50 -2.55
C15 FII G . -1.11 -1.82 -2.33
C18 FII G . 0.24 -2.09 -3.01
C22 FII G . -1.68 -2.79 -1.51
C23 FII G . -1.14 -4.05 -1.22
C24 FII G . -1.89 -5.15 -1.97
C27 FII G . -1.20 -6.50 -1.78
C30 FII G . -0.25 -6.72 -0.62
C34 FII G . -1.45 -7.54 -2.68
C35 FII G . -0.89 -8.82 -2.63
O36 FII G . -0.22 -9.10 -3.85
N42 FII G . 1.12 -9.19 -3.62
C43 FII G . 1.84 -10.08 -4.29
O44 FII G . 1.39 -10.86 -5.12
C45 FII G . 3.34 -10.07 -3.95
P46 FII G . 4.05 -8.42 -4.13
O49 FII G . 3.97 -7.74 -2.66
O50 FII G . 5.63 -8.65 -4.41
O51 FII G . 3.38 -7.61 -5.17
C1 JAN H . 0.14 -6.34 -5.04
N1 JAN H . 0.17 -5.74 -6.43
C2 JAN H . 1.25 -5.18 -6.99
N2 JAN H . 0.91 -4.77 -8.21
C3 JAN H . -0.37 -5.05 -8.39
C4 JAN H . -0.83 -5.65 -7.29
C5 JAN H . -2.29 -6.14 -7.09
C6 JAN H . -3.04 -5.29 -6.01
C7 JAN H . -2.75 -3.92 -5.84
C8 JAN H . -3.44 -3.13 -4.91
C9 JAN H . -4.47 -3.69 -4.14
CL1 JAN H . -5.35 -2.73 -2.97
C10 JAN H . -4.79 -5.04 -4.32
C11 JAN H . -4.10 -5.83 -5.25
N3 JAN H . -2.19 -7.60 -6.87
C12 JAN H . -2.99 -5.84 -8.46
C13 JAN H . -4.05 -4.93 -8.55
C14 JAN H . -4.66 -4.64 -9.79
C15 JAN H . -2.52 -6.46 -9.62
C16 JAN H . -3.09 -6.18 -10.87
C17 JAN H . -4.16 -5.27 -10.95
N4 JAN H . -4.72 -5.01 -12.23
C18 JAN H . -4.21 -5.67 -13.46
C19 JAN H . -5.78 -4.11 -12.33
O1 JAN H . -6.28 -3.88 -13.43
C20 JAN H . -6.27 -3.49 -11.18
C21 JAN H . -5.73 -3.73 -9.90
C22 JAN H . -6.35 -3.03 -8.84
C23 JAN H . -5.66 -2.18 -7.98
C24 JAN H . -6.34 -1.51 -6.98
CL2 JAN H . -5.46 -0.44 -5.97
C25 JAN H . -7.72 -1.66 -6.75
C26 JAN H . -8.43 -2.52 -7.59
C27 JAN H . -7.73 -3.19 -8.61
S SO4 I . -12.13 -1.22 -3.81
O1 SO4 I . -11.46 -1.96 -4.90
O2 SO4 I . -11.99 0.19 -4.07
O3 SO4 I . -13.54 -1.62 -3.73
O4 SO4 I . -11.50 -1.54 -2.54
#